data_8VS7
#
_entry.id   8VS7
#
_cell.length_a   66.802
_cell.length_b   66.930
_cell.length_c   130.191
_cell.angle_alpha   90.00
_cell.angle_beta   103.74
_cell.angle_gamma   90.00
#
_symmetry.space_group_name_H-M   'P 1 21 1'
#
loop_
_entity.id
_entity.type
_entity.pdbx_description
1 polymer '2C1 Light Chain'
2 polymer '2C1 Heavy Chain'
3 polymer 'ADI-19425 Heavy Chain'
4 polymer 'ADI-19425 Light Chain'
5 non-polymer 1,2-ETHANEDIOL
6 non-polymer 'SULFATE ION'
7 water water
#
loop_
_entity_poly.entity_id
_entity_poly.type
_entity_poly.pdbx_seq_one_letter_code
_entity_poly.pdbx_strand_id
1 'polypeptide(L)'
;DIVMTQSHKFMSTSVGDRVSITCKANHDVNIAVAWYQQKPGQSPKLLIYSASYRYTGVPDRFTGSGSGTDFTFTISSVQA
EDLAVYYCQQHYDTPRTFGGGTKLEIKRTVAAPSVFIFPPSDEQLKSGTASVVCLLNNFYPREAKVQWKVDNALQSGNSQ
ESVTEQDSKDSTYSLSSTLTLSKADYEKHKVYACEVTHQGLSSPVTKSFNRGEC
;
B
2 'polypeptide(L)'
;(PCA)VQLQQSGAELVRPGASVTLSCKASGYIFTDYEIHWLKQTPVHGLEWIGTSDPETGGFAYTQKFKGKAILTADKSS
STAYMELRSLTSEDSAVYYCTRRPYYGSGAWFAYWGQGTLVTVSAASTKGPSVFPLAPSSKSTSGGTAALGCLVKDYFPE
PVTVSWNSGALTSGVHTFPAVLQSSGLYSLSSVVTVPSSSLGTQTYICNVNHKPSNTKVDKRVEPKSCDKTGSGSGHHHH
HH
;
A
3 'polypeptide(L)'
;EVQLVESGGGLVKPGGSLRLSCAASGFTFSSYSMNWVRQAPGKGLEWVSSISSSSSYIYYADSVKGRFTISRDNAKNSLY
LQMNSLRAEDTAVYYCARLGYCSGGSCHFDYWGQGTLVTVSSASTKGPSVFPLAPSSKSTSGGTAALGCLVKDYFPEPVT
VSWNSGALTSGVHTFPAVLQSSGLYSLSSVVTVPSSSLGTQTYICNVNHKPSNTKVDKRVEPKSCDK
;
H
4 'polypeptide(L)'
;(PCA)PVLTQPPSVSGAPGQRVTISCTGSSSNIGAGYDVHWYQQLPGTAPKLLIYGNSNRPSGVPDRFSGSKSGTSASLA
ITGLQAEDEADYYCQSYDSSLSGFYVFGTGTKLTVLGQPKAAPSVTLFPPSSEELQANKATLVCLISDFYPGAVTVAWKA
DSSPVKAGVETTTPSKQSNNKYAASSYLSLTPEQWKSHRSYSCQVTHEGSTVEKTVAPTECS
;
L
#
loop_
_chem_comp.id
_chem_comp.type
_chem_comp.name
_chem_comp.formula
EDO non-polymer 1,2-ETHANEDIOL 'C2 H6 O2'
SO4 non-polymer 'SULFATE ION' 'O4 S -2'
#
# COMPACT_ATOMS: atom_id res chain seq x y z
N ASP A 1 -1.89 14.93 7.32
CA ASP A 1 -3.06 14.07 7.33
C ASP A 1 -4.21 14.69 6.54
N ILE A 2 -4.79 13.90 5.64
CA ILE A 2 -5.88 14.39 4.82
C ILE A 2 -7.15 14.47 5.66
N VAL A 3 -7.80 15.62 5.64
CA VAL A 3 -9.06 15.80 6.36
C VAL A 3 -10.21 15.54 5.40
N MET A 4 -11.15 14.69 5.83
CA MET A 4 -12.35 14.34 5.08
C MET A 4 -13.54 14.99 5.77
N THR A 5 -14.30 15.81 5.04
CA THR A 5 -15.37 16.59 5.64
C THR A 5 -16.70 16.26 4.95
N GLN A 6 -17.68 15.85 5.75
CA GLN A 6 -19.07 15.79 5.33
C GLN A 6 -19.80 16.90 6.06
N SER A 7 -20.28 17.89 5.31
CA SER A 7 -20.81 19.09 5.96
C SER A 7 -22.10 18.80 6.72
N HIS A 8 -22.97 17.97 6.16
CA HIS A 8 -24.27 17.69 6.75
C HIS A 8 -24.20 16.50 7.70
N LYS A 9 -24.46 16.74 8.99
CA LYS A 9 -24.52 15.65 9.95
C LYS A 9 -25.78 14.81 9.76
N PHE A 10 -26.86 15.43 9.30
CA PHE A 10 -28.12 14.75 9.07
C PHE A 10 -28.66 15.15 7.71
N MET A 11 -29.20 14.18 6.99
CA MET A 11 -29.85 14.42 5.71
C MET A 11 -31.19 13.69 5.74
N SER A 12 -32.23 14.36 5.25
CA SER A 12 -33.58 13.84 5.32
C SER A 12 -34.14 13.70 3.92
N THR A 13 -34.93 12.64 3.70
CA THR A 13 -35.46 12.34 2.39
C THR A 13 -36.76 11.58 2.58
N SER A 14 -37.32 11.06 1.49
CA SER A 14 -38.54 10.26 1.53
C SER A 14 -38.33 8.99 0.72
N VAL A 15 -39.21 8.01 0.95
CA VAL A 15 -39.10 6.75 0.23
C VAL A 15 -39.39 6.99 -1.23
N GLY A 16 -38.55 6.43 -2.10
CA GLY A 16 -38.69 6.62 -3.53
C GLY A 16 -38.04 7.87 -4.09
N ASP A 17 -37.51 8.74 -3.23
CA ASP A 17 -36.84 9.96 -3.67
C ASP A 17 -35.36 9.73 -3.95
N ARG A 18 -34.77 10.68 -4.65
CA ARG A 18 -33.33 10.71 -4.90
C ARG A 18 -32.66 11.55 -3.83
N VAL A 19 -31.55 11.08 -3.27
CA VAL A 19 -30.79 11.84 -2.29
C VAL A 19 -29.30 11.73 -2.57
N SER A 20 -28.58 12.82 -2.32
CA SER A 20 -27.15 12.91 -2.57
C SER A 20 -26.42 13.48 -1.36
N ILE A 21 -25.31 12.85 -0.99
CA ILE A 21 -24.49 13.27 0.15
C ILE A 21 -23.11 13.66 -0.37
N THR A 22 -22.58 14.75 0.16
CA THR A 22 -21.33 15.31 -0.32
C THR A 22 -20.21 15.02 0.67
N CYS A 23 -19.00 14.89 0.13
CA CYS A 23 -17.78 14.70 0.89
C CYS A 23 -16.67 15.49 0.22
N LYS A 24 -15.88 16.21 1.02
CA LYS A 24 -14.77 17.00 0.51
C LYS A 24 -13.48 16.58 1.19
N ALA A 25 -12.42 16.48 0.40
CA ALA A 25 -11.06 16.28 0.90
C ALA A 25 -10.27 17.57 0.78
N ASN A 26 -9.40 17.85 1.76
CA ASN A 26 -8.54 19.02 1.72
C ASN A 26 -7.22 18.73 1.01
N HIS A 27 -7.22 17.79 0.09
CA HIS A 27 -6.05 17.45 -0.72
C HIS A 27 -6.56 16.73 -1.95
N ASP A 28 -5.93 17.02 -3.09
CA ASP A 28 -6.33 16.36 -4.34
C ASP A 28 -6.05 14.88 -4.25
N VAL A 29 -7.09 14.07 -4.10
CA VAL A 29 -6.95 12.62 -3.98
C VAL A 29 -7.41 11.91 -5.24
N ASN A 30 -7.58 12.63 -6.34
CA ASN A 30 -8.11 12.08 -7.58
C ASN A 30 -9.39 11.31 -7.29
N ILE A 31 -9.36 9.96 -7.37
CA ILE A 31 -10.56 9.17 -7.17
C ILE A 31 -10.40 8.17 -6.02
N ALA A 32 -9.41 8.37 -5.15
CA ALA A 32 -9.14 7.41 -4.08
C ALA A 32 -10.08 7.67 -2.88
N VAL A 33 -11.36 7.36 -3.08
CA VAL A 33 -12.38 7.61 -2.07
C VAL A 33 -13.33 6.41 -2.02
N ALA A 34 -13.65 5.98 -0.80
CA ALA A 34 -14.60 4.88 -0.58
C ALA A 34 -15.77 5.39 0.24
N TRP A 35 -16.91 4.74 0.06
CA TRP A 35 -18.14 5.07 0.79
C TRP A 35 -18.62 3.84 1.55
N TYR A 36 -19.03 4.05 2.80
CA TYR A 36 -19.49 2.98 3.67
C TYR A 36 -20.85 3.33 4.25
N GLN A 37 -21.65 2.30 4.47
CA GLN A 37 -22.96 2.41 5.11
C GLN A 37 -22.96 1.61 6.40
N GLN A 38 -23.51 2.22 7.46
CA GLN A 38 -23.49 1.59 8.79
C GLN A 38 -24.87 1.75 9.40
N LYS A 39 -25.55 0.62 9.62
CA LYS A 39 -26.87 0.58 10.24
C LYS A 39 -26.76 0.35 11.73
N PRO A 40 -27.82 0.62 12.48
CA PRO A 40 -27.71 0.61 13.95
C PRO A 40 -27.26 -0.75 14.46
N GLY A 41 -26.27 -0.74 15.34
CA GLY A 41 -25.75 -1.97 15.91
C GLY A 41 -25.00 -2.86 14.94
N GLN A 42 -24.52 -2.33 13.82
CA GLN A 42 -23.82 -3.13 12.82
C GLN A 42 -22.48 -2.50 12.49
N SER A 43 -21.60 -3.31 11.94
CA SER A 43 -20.34 -2.81 11.45
C SER A 43 -20.54 -2.08 10.13
N PRO A 44 -19.63 -1.18 9.78
CA PRO A 44 -19.74 -0.52 8.47
C PRO A 44 -19.78 -1.55 7.34
N LYS A 45 -20.43 -1.16 6.24
CA LYS A 45 -20.55 -2.00 5.07
C LYS A 45 -20.03 -1.23 3.86
N LEU A 46 -19.05 -1.78 3.17
CA LEU A 46 -18.44 -1.12 2.01
C LEU A 46 -19.44 -1.07 0.86
N LEU A 47 -19.65 0.13 0.31
CA LEU A 47 -20.59 0.32 -0.79
C LEU A 47 -19.90 0.67 -2.09
N ILE A 48 -18.94 1.58 -2.05
CA ILE A 48 -18.28 2.08 -3.24
C ILE A 48 -16.82 2.30 -2.92
N TYR A 49 -15.95 2.04 -3.90
CA TYR A 49 -14.54 2.32 -3.79
C TYR A 49 -14.06 3.01 -5.06
N SER A 50 -12.91 3.68 -4.97
CA SER A 50 -12.36 4.43 -6.09
C SER A 50 -13.36 5.44 -6.62
N ALA A 51 -14.18 5.99 -5.71
CA ALA A 51 -15.05 7.14 -5.98
C ALA A 51 -16.35 6.74 -6.67
N SER A 52 -16.30 5.76 -7.58
CA SER A 52 -17.48 5.43 -8.36
C SER A 52 -17.71 3.95 -8.58
N TYR A 53 -16.86 3.08 -8.04
CA TYR A 53 -16.97 1.66 -8.35
C TYR A 53 -17.80 0.96 -7.28
N ARG A 54 -18.79 0.20 -7.73
CA ARG A 54 -19.72 -0.50 -6.86
C ARG A 54 -19.08 -1.79 -6.36
N TYR A 55 -19.15 -2.03 -5.06
CA TYR A 55 -18.64 -3.27 -4.52
C TYR A 55 -19.65 -4.41 -4.77
N THR A 56 -19.15 -5.64 -4.68
CA THR A 56 -19.96 -6.82 -4.98
C THR A 56 -21.19 -6.87 -4.09
N GLY A 57 -22.35 -7.04 -4.71
CA GLY A 57 -23.59 -7.16 -3.99
C GLY A 57 -24.30 -5.87 -3.66
N VAL A 58 -23.64 -4.73 -3.82
CA VAL A 58 -24.31 -3.46 -3.52
C VAL A 58 -25.44 -3.24 -4.51
N PRO A 59 -26.65 -2.87 -4.07
CA PRO A 59 -27.74 -2.64 -5.02
C PRO A 59 -27.41 -1.54 -6.01
N ASP A 60 -28.05 -1.60 -7.17
CA ASP A 60 -27.77 -0.67 -8.26
C ASP A 60 -28.12 0.77 -7.91
N ARG A 61 -29.02 1.00 -6.95
CA ARG A 61 -29.44 2.35 -6.63
C ARG A 61 -28.37 3.15 -5.92
N PHE A 62 -27.26 2.54 -5.53
CA PHE A 62 -26.15 3.21 -4.85
C PHE A 62 -25.07 3.55 -5.87
N THR A 63 -24.80 4.85 -6.06
CA THR A 63 -23.77 5.30 -6.99
C THR A 63 -22.84 6.29 -6.30
N GLY A 64 -21.63 6.38 -6.81
CA GLY A 64 -20.70 7.41 -6.38
C GLY A 64 -20.09 8.12 -7.57
N SER A 65 -19.68 9.37 -7.33
CA SER A 65 -19.10 10.18 -8.38
C SER A 65 -18.18 11.23 -7.77
N GLY A 66 -17.45 11.92 -8.63
CA GLY A 66 -16.55 12.96 -8.21
C GLY A 66 -15.10 12.60 -8.43
N SER A 67 -14.25 13.63 -8.39
CA SER A 67 -12.82 13.47 -8.56
C SER A 67 -12.13 14.73 -8.05
N GLY A 68 -10.97 14.54 -7.41
CA GLY A 68 -10.25 15.67 -6.86
C GLY A 68 -10.51 15.89 -5.39
N THR A 69 -11.34 16.89 -5.06
CA THR A 69 -11.70 17.18 -3.69
C THR A 69 -13.19 17.04 -3.37
N ASP A 70 -14.06 17.03 -4.38
CA ASP A 70 -15.51 17.10 -4.19
C ASP A 70 -16.13 15.78 -4.64
N PHE A 71 -16.58 14.99 -3.68
CA PHE A 71 -17.16 13.69 -3.98
C PHE A 71 -18.62 13.65 -3.56
N THR A 72 -19.40 12.88 -4.31
CA THR A 72 -20.84 12.76 -4.08
C THR A 72 -21.23 11.30 -4.02
N PHE A 73 -22.10 10.98 -3.05
CA PHE A 73 -22.72 9.67 -2.93
C PHE A 73 -24.22 9.84 -3.12
N THR A 74 -24.82 9.00 -3.94
CA THR A 74 -26.21 9.17 -4.33
C THR A 74 -26.97 7.86 -4.19
N ILE A 75 -28.23 7.96 -3.80
CA ILE A 75 -29.18 6.86 -3.87
C ILE A 75 -30.28 7.29 -4.83
N SER A 76 -30.46 6.54 -5.90
CA SER A 76 -31.38 6.97 -6.94
C SER A 76 -32.83 6.92 -6.45
N SER A 77 -33.21 5.86 -5.75
CA SER A 77 -34.55 5.72 -5.20
C SER A 77 -34.45 5.17 -3.78
N VAL A 78 -34.66 6.04 -2.79
CA VAL A 78 -34.47 5.67 -1.40
C VAL A 78 -35.50 4.63 -0.99
N GLN A 79 -35.02 3.62 -0.26
CA GLN A 79 -35.88 2.59 0.30
C GLN A 79 -35.87 2.66 1.82
N ALA A 80 -36.93 2.13 2.43
CA ALA A 80 -37.08 2.19 3.88
C ALA A 80 -35.84 1.65 4.59
N GLU A 81 -35.31 0.51 4.13
CA GLU A 81 -34.14 -0.11 4.76
C GLU A 81 -32.86 0.70 4.60
N ASP A 82 -32.87 1.86 3.92
CA ASP A 82 -31.64 2.57 3.65
C ASP A 82 -31.22 3.50 4.79
N LEU A 83 -32.01 3.57 5.86
CA LEU A 83 -31.64 4.34 7.04
C LEU A 83 -30.27 3.90 7.54
N ALA A 84 -29.35 4.85 7.68
CA ALA A 84 -28.03 4.51 8.19
C ALA A 84 -27.20 5.78 8.24
N VAL A 85 -26.01 5.63 8.81
CA VAL A 85 -24.96 6.64 8.71
C VAL A 85 -24.07 6.26 7.53
N TYR A 86 -23.72 7.23 6.70
CA TYR A 86 -22.86 7.01 5.54
C TYR A 86 -21.56 7.77 5.74
N TYR A 87 -20.44 7.06 5.60
CA TYR A 87 -19.11 7.63 5.75
C TYR A 87 -18.34 7.60 4.43
N CYS A 88 -17.64 8.68 4.14
CA CYS A 88 -16.62 8.64 3.11
C CYS A 88 -15.26 8.37 3.75
N GLN A 89 -14.35 7.84 2.94
CA GLN A 89 -12.98 7.57 3.37
C GLN A 89 -12.07 7.81 2.18
N GLN A 90 -10.92 8.44 2.42
CA GLN A 90 -9.88 8.50 1.40
C GLN A 90 -8.97 7.30 1.58
N HIS A 91 -8.70 6.61 0.48
CA HIS A 91 -7.66 5.58 0.46
C HIS A 91 -6.57 6.03 -0.50
N TYR A 92 -6.12 7.28 -0.30
CA TYR A 92 -5.06 7.90 -1.06
C TYR A 92 -3.72 7.93 -0.33
N ASP A 93 -3.75 8.03 1.00
CA ASP A 93 -2.54 8.13 1.78
C ASP A 93 -2.79 7.60 3.19
N THR A 94 -1.72 7.52 3.96
CA THR A 94 -1.66 7.10 5.34
C THR A 94 -1.37 8.29 6.26
N PRO A 95 -2.07 8.41 7.40
CA PRO A 95 -3.09 7.46 7.88
C PRO A 95 -4.39 7.54 7.09
N ARG A 96 -5.08 6.40 6.95
CA ARG A 96 -6.42 6.43 6.39
C ARG A 96 -7.31 7.28 7.29
N THR A 97 -8.20 8.06 6.66
CA THR A 97 -9.02 9.01 7.41
C THR A 97 -10.43 9.00 6.84
N PHE A 98 -11.40 9.24 7.73
CA PHE A 98 -12.82 9.11 7.42
C PHE A 98 -13.52 10.45 7.63
N GLY A 99 -14.59 10.67 6.89
CA GLY A 99 -15.49 11.77 7.16
C GLY A 99 -16.29 11.55 8.43
N GLY A 100 -16.95 12.62 8.88
CA GLY A 100 -17.70 12.57 10.12
C GLY A 100 -18.96 11.75 10.03
N GLY A 101 -19.45 11.47 8.84
CA GLY A 101 -20.67 10.70 8.67
C GLY A 101 -21.88 11.57 8.43
N THR A 102 -22.85 11.03 7.70
CA THR A 102 -24.12 11.69 7.45
C THR A 102 -25.24 10.69 7.73
N LYS A 103 -26.07 11.01 8.72
CA LYS A 103 -27.17 10.12 9.09
C LYS A 103 -28.38 10.38 8.19
N LEU A 104 -28.88 9.31 7.56
CA LEU A 104 -30.05 9.41 6.70
C LEU A 104 -31.32 9.22 7.51
N GLU A 105 -32.32 10.07 7.26
CA GLU A 105 -33.57 10.07 8.00
C GLU A 105 -34.73 10.25 7.03
N ILE A 106 -35.79 9.47 7.22
CA ILE A 106 -36.87 9.34 6.25
C ILE A 106 -38.06 10.17 6.69
N LYS A 107 -38.60 10.97 5.76
CA LYS A 107 -39.86 11.63 6.00
C LYS A 107 -41.00 10.68 5.66
N ARG A 108 -42.08 10.78 6.43
CA ARG A 108 -43.27 9.97 6.17
C ARG A 108 -44.46 10.70 6.76
N THR A 109 -45.65 10.12 6.58
CA THR A 109 -46.87 10.72 7.11
C THR A 109 -46.82 10.71 8.64
N VAL A 110 -47.51 11.69 9.23
CA VAL A 110 -47.62 11.72 10.69
C VAL A 110 -48.27 10.42 11.18
N ALA A 111 -47.73 9.87 12.26
CA ALA A 111 -48.29 8.68 12.89
C ALA A 111 -48.34 8.92 14.39
N ALA A 112 -49.56 8.89 14.98
CA ALA A 112 -49.82 9.08 16.41
C ALA A 112 -49.37 7.84 17.19
N PRO A 113 -48.79 8.04 18.38
CA PRO A 113 -48.29 6.89 19.14
C PRO A 113 -49.42 6.01 19.68
N SER A 114 -49.12 4.73 19.83
CA SER A 114 -49.94 3.82 20.63
C SER A 114 -49.34 3.78 22.03
N VAL A 115 -50.15 4.10 23.05
CA VAL A 115 -49.66 4.32 24.40
C VAL A 115 -50.08 3.17 25.30
N PHE A 116 -49.12 2.59 26.00
CA PHE A 116 -49.34 1.55 27.00
C PHE A 116 -48.63 1.94 28.28
N ILE A 117 -49.20 1.53 29.41
CA ILE A 117 -48.60 1.78 30.72
C ILE A 117 -48.49 0.46 31.46
N PHE A 118 -47.33 0.20 32.05
CA PHE A 118 -47.06 -1.04 32.77
C PHE A 118 -46.80 -0.71 34.24
N PRO A 119 -47.57 -1.24 35.18
CA PRO A 119 -47.22 -1.07 36.59
C PRO A 119 -45.97 -1.84 36.94
N PRO A 120 -45.32 -1.52 38.05
CA PRO A 120 -44.21 -2.36 38.52
C PRO A 120 -44.71 -3.77 38.75
N SER A 121 -43.87 -4.74 38.43
CA SER A 121 -44.21 -6.14 38.66
C SER A 121 -44.08 -6.49 40.15
N ASP A 122 -44.89 -7.45 40.58
CA ASP A 122 -44.72 -7.98 41.93
C ASP A 122 -43.28 -8.38 42.17
N GLU A 123 -42.66 -9.05 41.20
CA GLU A 123 -41.29 -9.52 41.38
C GLU A 123 -40.34 -8.36 41.61
N GLN A 124 -40.56 -7.21 40.97
CA GLN A 124 -39.68 -6.07 41.24
C GLN A 124 -39.97 -5.48 42.61
N LEU A 125 -41.25 -5.36 42.98
CA LEU A 125 -41.58 -4.81 44.29
C LEU A 125 -40.92 -5.61 45.40
N LYS A 126 -40.99 -6.93 45.32
CA LYS A 126 -40.36 -7.77 46.33
C LYS A 126 -38.87 -7.50 46.44
N SER A 127 -38.27 -6.86 45.44
CA SER A 127 -36.85 -6.52 45.45
C SER A 127 -36.56 -5.14 46.01
N GLY A 128 -37.58 -4.31 46.26
CA GLY A 128 -37.42 -3.03 46.92
C GLY A 128 -37.68 -1.81 46.06
N THR A 129 -37.55 -1.92 44.74
CA THR A 129 -37.74 -0.78 43.85
C THR A 129 -39.07 -0.91 43.10
N ALA A 130 -39.47 0.20 42.47
CA ALA A 130 -40.68 0.23 41.67
C ALA A 130 -40.42 1.08 40.42
N SER A 131 -40.41 0.44 39.25
CA SER A 131 -40.32 1.14 37.98
C SER A 131 -41.66 1.07 37.28
N VAL A 132 -42.19 2.23 36.89
CA VAL A 132 -43.40 2.32 36.07
C VAL A 132 -42.98 2.71 34.66
N VAL A 133 -43.44 1.95 33.68
CA VAL A 133 -43.03 2.11 32.29
C VAL A 133 -44.22 2.61 31.46
N CYS A 134 -44.01 3.72 30.77
CA CYS A 134 -44.95 4.22 29.77
C CYS A 134 -44.33 3.99 28.40
N LEU A 135 -45.08 3.35 27.50
CA LEU A 135 -44.58 2.99 26.19
C LEU A 135 -45.36 3.74 25.12
N LEU A 136 -44.63 4.41 24.22
CA LEU A 136 -45.18 5.06 23.04
C LEU A 136 -44.71 4.28 21.82
N ASN A 137 -45.63 3.71 21.07
CA ASN A 137 -45.31 2.71 20.05
C ASN A 137 -45.61 3.22 18.65
N ASN A 138 -44.57 3.19 17.78
CA ASN A 138 -44.69 3.43 16.33
C ASN A 138 -45.36 4.77 16.02
N PHE A 139 -44.61 5.84 16.21
CA PHE A 139 -45.08 7.18 15.92
C PHE A 139 -44.08 7.91 15.03
N TYR A 140 -44.54 9.04 14.47
CA TYR A 140 -43.74 9.94 13.67
C TYR A 140 -44.50 11.26 13.60
N PRO A 141 -43.82 12.41 13.76
CA PRO A 141 -42.37 12.54 13.92
C PRO A 141 -41.83 12.14 15.30
N ARG A 142 -40.53 12.34 15.47
CA ARG A 142 -39.86 11.97 16.71
C ARG A 142 -40.33 12.79 17.90
N GLU A 143 -40.63 14.07 17.70
CA GLU A 143 -40.92 14.97 18.81
C GLU A 143 -42.13 14.47 19.60
N ALA A 144 -41.90 14.16 20.88
CA ALA A 144 -42.97 13.69 21.77
C ALA A 144 -42.70 14.17 23.18
N LYS A 145 -43.78 14.48 23.90
CA LYS A 145 -43.71 14.95 25.27
C LYS A 145 -44.47 13.98 26.17
N VAL A 146 -43.79 13.48 27.20
CA VAL A 146 -44.40 12.58 28.19
C VAL A 146 -44.30 13.23 29.55
N GLN A 147 -45.43 13.30 30.25
CA GLN A 147 -45.49 13.84 31.61
C GLN A 147 -46.05 12.79 32.56
N TRP A 148 -45.36 12.61 33.69
CA TRP A 148 -45.80 11.68 34.73
C TRP A 148 -46.55 12.42 35.82
N LYS A 149 -47.63 11.80 36.30
CA LYS A 149 -48.45 12.34 37.39
C LYS A 149 -48.71 11.24 38.40
N VAL A 150 -48.44 11.52 39.67
CA VAL A 150 -48.64 10.57 40.76
C VAL A 150 -49.60 11.25 41.74
N ASP A 151 -50.80 10.71 41.87
CA ASP A 151 -51.87 11.34 42.64
C ASP A 151 -51.96 12.83 42.32
N ASN A 152 -51.90 13.12 41.01
CA ASN A 152 -52.04 14.47 40.46
C ASN A 152 -50.83 15.35 40.74
N ALA A 153 -49.72 14.79 41.19
CA ALA A 153 -48.49 15.56 41.39
C ALA A 153 -47.59 15.36 40.18
N LEU A 154 -47.28 16.45 39.49
CA LEU A 154 -46.39 16.37 38.36
C LEU A 154 -45.00 15.95 38.82
N GLN A 155 -44.38 15.04 38.07
CA GLN A 155 -43.05 14.53 38.37
C GLN A 155 -42.01 15.25 37.54
N SER A 156 -40.86 15.54 38.16
CA SER A 156 -39.78 16.25 37.49
C SER A 156 -38.44 15.71 37.95
N GLY A 157 -37.62 15.26 37.00
CA GLY A 157 -36.33 14.69 37.32
C GLY A 157 -36.37 13.28 37.86
N ASN A 158 -37.52 12.59 37.76
CA ASN A 158 -37.70 11.26 38.31
C ASN A 158 -37.78 10.16 37.25
N SER A 159 -37.66 10.51 35.98
CA SER A 159 -37.91 9.57 34.90
C SER A 159 -36.84 9.72 33.83
N GLN A 160 -36.63 8.64 33.09
CA GLN A 160 -35.64 8.61 32.03
C GLN A 160 -36.29 8.06 30.77
N GLU A 161 -35.96 8.67 29.64
CA GLU A 161 -36.55 8.34 28.36
C GLU A 161 -35.53 7.59 27.51
N SER A 162 -36.03 6.69 26.66
CA SER A 162 -35.21 6.02 25.66
C SER A 162 -36.00 5.94 24.37
N VAL A 163 -35.33 6.20 23.25
CA VAL A 163 -35.96 6.20 21.93
C VAL A 163 -35.20 5.24 21.05
N THR A 164 -35.93 4.45 20.25
CA THR A 164 -35.32 3.57 19.28
C THR A 164 -34.91 4.36 18.03
N GLU A 165 -34.03 3.76 17.24
CA GLU A 165 -33.74 4.29 15.91
C GLU A 165 -34.98 4.21 15.01
N GLN A 166 -34.96 4.97 13.93
CA GLN A 166 -36.06 4.92 12.98
C GLN A 166 -36.23 3.51 12.45
N ASP A 167 -37.45 3.01 12.48
CA ASP A 167 -37.73 1.65 12.03
C ASP A 167 -37.41 1.49 10.55
N SER A 168 -36.77 0.38 10.20
CA SER A 168 -36.29 0.14 8.84
C SER A 168 -37.39 -0.31 7.88
N LYS A 169 -38.62 -0.51 8.37
CA LYS A 169 -39.74 -0.85 7.50
C LYS A 169 -40.78 0.26 7.41
N ASP A 170 -41.27 0.76 8.54
CA ASP A 170 -42.29 1.82 8.52
C ASP A 170 -41.74 3.19 8.90
N SER A 171 -40.43 3.32 9.15
CA SER A 171 -39.79 4.60 9.45
C SER A 171 -40.38 5.31 10.67
N THR A 172 -41.03 4.58 11.59
CA THR A 172 -41.55 5.20 12.79
C THR A 172 -40.54 5.08 13.93
N TYR A 173 -40.77 5.84 14.99
CA TYR A 173 -39.99 5.78 16.21
C TYR A 173 -40.83 5.16 17.32
N SER A 174 -40.16 4.65 18.34
CA SER A 174 -40.80 4.19 19.56
C SER A 174 -40.03 4.75 20.77
N LEU A 175 -40.74 4.89 21.89
CA LEU A 175 -40.16 5.60 23.03
C LEU A 175 -40.68 5.01 24.33
N SER A 176 -39.77 4.83 25.29
CA SER A 176 -40.09 4.37 26.62
C SER A 176 -39.72 5.46 27.62
N SER A 177 -40.60 5.68 28.60
CA SER A 177 -40.35 6.57 29.72
C SER A 177 -40.52 5.75 30.99
N THR A 178 -39.52 5.81 31.88
CA THR A 178 -39.45 4.95 33.05
C THR A 178 -39.37 5.84 34.28
N LEU A 179 -40.42 5.81 35.09
CA LEU A 179 -40.46 6.49 36.38
C LEU A 179 -40.03 5.49 37.46
N THR A 180 -39.01 5.85 38.23
CA THR A 180 -38.49 4.98 39.28
C THR A 180 -38.74 5.57 40.66
N LEU A 181 -39.39 4.79 41.54
CA LEU A 181 -39.59 5.15 42.93
C LEU A 181 -39.13 4.00 43.81
N SER A 182 -38.93 4.29 45.10
CA SER A 182 -38.74 3.21 46.06
C SER A 182 -40.05 2.46 46.26
N LYS A 183 -39.94 1.23 46.76
CA LYS A 183 -41.15 0.47 47.06
C LYS A 183 -42.01 1.20 48.07
N ALA A 184 -41.42 1.63 49.19
CA ALA A 184 -42.19 2.29 50.23
C ALA A 184 -42.98 3.46 49.66
N ASP A 185 -42.35 4.25 48.79
CA ASP A 185 -43.00 5.44 48.27
C ASP A 185 -44.06 5.10 47.23
N TYR A 186 -43.81 4.07 46.41
CA TYR A 186 -44.81 3.64 45.45
C TYR A 186 -46.10 3.24 46.16
N GLU A 187 -45.99 2.59 47.30
CA GLU A 187 -47.17 2.13 48.02
C GLU A 187 -47.89 3.25 48.77
N LYS A 188 -47.32 4.45 48.83
CA LYS A 188 -47.94 5.59 49.49
C LYS A 188 -48.91 6.34 48.60
N HIS A 189 -49.06 5.97 47.34
CA HIS A 189 -49.87 6.72 46.40
C HIS A 189 -50.76 5.75 45.63
N LYS A 190 -51.79 6.30 44.98
CA LYS A 190 -52.84 5.50 44.37
C LYS A 190 -52.85 5.55 42.85
N VAL A 191 -52.90 6.76 42.27
CA VAL A 191 -53.09 6.94 40.84
C VAL A 191 -51.75 7.22 40.18
N TYR A 192 -51.40 6.42 39.17
CA TYR A 192 -50.19 6.58 38.40
C TYR A 192 -50.56 6.79 36.93
N ALA A 193 -50.19 7.94 36.37
CA ALA A 193 -50.62 8.33 35.04
C ALA A 193 -49.45 8.87 34.22
N CYS A 194 -49.42 8.53 32.94
CA CYS A 194 -48.52 9.19 31.99
C CYS A 194 -49.37 9.86 30.93
N GLU A 195 -49.03 11.11 30.61
CA GLU A 195 -49.77 11.91 29.65
C GLU A 195 -48.90 12.21 28.45
N VAL A 196 -49.41 11.95 27.25
CA VAL A 196 -48.62 12.02 26.03
C VAL A 196 -49.22 13.06 25.10
N THR A 197 -48.39 13.96 24.62
CA THR A 197 -48.76 14.91 23.58
C THR A 197 -47.88 14.64 22.37
N HIS A 198 -48.51 14.55 21.19
CA HIS A 198 -47.78 14.31 19.96
C HIS A 198 -48.57 14.90 18.80
N GLN A 199 -47.84 15.27 17.74
CA GLN A 199 -48.46 15.94 16.59
C GLN A 199 -49.61 15.15 15.99
N GLY A 200 -49.64 13.83 16.17
CA GLY A 200 -50.72 13.02 15.67
C GLY A 200 -51.91 12.90 16.58
N LEU A 201 -51.85 13.47 17.78
CA LEU A 201 -52.92 13.39 18.76
C LEU A 201 -53.65 14.72 18.80
N SER A 202 -54.93 14.71 18.44
CA SER A 202 -55.72 15.93 18.52
C SER A 202 -55.66 16.54 19.91
N SER A 203 -55.68 15.71 20.94
CA SER A 203 -55.60 16.15 22.33
C SER A 203 -54.78 15.14 23.12
N PRO A 204 -54.10 15.60 24.18
CA PRO A 204 -53.25 14.69 24.96
C PRO A 204 -54.00 13.43 25.37
N VAL A 205 -53.27 12.32 25.37
CA VAL A 205 -53.79 11.02 25.76
C VAL A 205 -53.19 10.65 27.11
N THR A 206 -54.02 10.07 27.98
CA THR A 206 -53.60 9.68 29.31
C THR A 206 -53.85 8.20 29.53
N LYS A 207 -52.84 7.50 29.99
CA LYS A 207 -52.95 6.13 30.48
C LYS A 207 -52.65 6.15 31.97
N SER A 208 -53.48 5.48 32.75
CA SER A 208 -53.31 5.51 34.19
C SER A 208 -53.72 4.17 34.77
N PHE A 209 -53.38 3.97 36.03
CA PHE A 209 -53.86 2.80 36.77
C PHE A 209 -53.87 3.15 38.25
N ASN A 210 -54.63 2.37 39.01
CA ASN A 210 -54.71 2.49 40.46
C ASN A 210 -53.97 1.31 41.08
N ARG A 211 -52.93 1.61 41.86
CA ARG A 211 -52.21 0.55 42.57
C ARG A 211 -53.20 -0.33 43.31
N GLY A 212 -53.21 -1.63 42.98
CA GLY A 212 -54.10 -2.55 43.66
C GLY A 212 -55.17 -3.15 42.77
N GLU A 213 -55.81 -2.33 41.94
CA GLU A 213 -56.88 -2.81 41.06
C GLU A 213 -56.39 -3.93 40.15
N PCA B 1 -16.09 -18.84 2.94
N PCA B 1 -16.18 -18.89 3.17
CA PCA B 1 -16.23 -17.39 3.01
CA PCA B 1 -16.29 -17.43 3.11
CB PCA B 1 -17.64 -17.00 3.42
CB PCA B 1 -17.72 -16.98 3.39
CG PCA B 1 -18.31 -18.26 3.93
CG PCA B 1 -18.42 -18.17 4.01
CD PCA B 1 -17.35 -19.33 3.50
CD PCA B 1 -17.48 -19.29 3.72
OE PCA B 1 -17.63 -20.53 3.61
OE PCA B 1 -17.79 -20.46 3.94
C PCA B 1 -15.25 -16.77 3.99
C PCA B 1 -15.35 -16.77 4.10
O PCA B 1 -14.91 -17.39 5.00
O PCA B 1 -15.15 -17.28 5.21
N VAL B 2 -14.80 -15.56 3.69
N VAL B 2 -14.79 -15.63 3.71
CA VAL B 2 -13.89 -14.83 4.57
CA VAL B 2 -13.90 -14.86 4.58
C VAL B 2 -14.67 -14.32 5.78
C VAL B 2 -14.67 -14.34 5.78
N GLN B 3 -14.11 -14.53 6.98
CA GLN B 3 -14.79 -14.14 8.21
C GLN B 3 -13.78 -13.66 9.25
N LEU B 4 -14.11 -12.55 9.91
CA LEU B 4 -13.32 -12.03 11.02
C LEU B 4 -14.18 -12.04 12.26
N GLN B 5 -13.71 -12.71 13.30
CA GLN B 5 -14.46 -12.82 14.56
C GLN B 5 -13.63 -12.19 15.67
N GLN B 6 -14.20 -11.19 16.34
CA GLN B 6 -13.51 -10.48 17.40
C GLN B 6 -13.95 -10.96 18.77
N SER B 7 -13.07 -10.75 19.74
CA SER B 7 -13.30 -11.12 21.13
C SER B 7 -14.43 -10.28 21.73
N GLY B 8 -14.86 -10.66 22.96
CA GLY B 8 -16.03 -10.05 23.56
C GLY B 8 -15.75 -8.73 24.26
N ALA B 9 -16.85 -8.05 24.62
CA ALA B 9 -16.76 -6.78 25.32
C ALA B 9 -15.84 -6.87 26.52
N GLU B 10 -15.23 -5.74 26.87
CA GLU B 10 -14.21 -5.70 27.90
C GLU B 10 -14.54 -4.61 28.90
N LEU B 11 -14.17 -4.85 30.16
CA LEU B 11 -14.20 -3.84 31.21
C LEU B 11 -12.77 -3.69 31.72
N VAL B 12 -12.23 -2.48 31.60
CA VAL B 12 -10.82 -2.20 31.91
C VAL B 12 -10.77 -1.04 32.89
N ARG B 13 -9.98 -1.22 33.96
CA ARG B 13 -9.86 -0.13 34.92
C ARG B 13 -8.85 0.90 34.40
N PRO B 14 -9.02 2.16 34.79
CA PRO B 14 -8.07 3.19 34.33
C PRO B 14 -6.64 2.78 34.65
N GLY B 15 -5.75 2.95 33.67
CA GLY B 15 -4.36 2.63 33.82
C GLY B 15 -3.97 1.21 33.48
N ALA B 16 -4.93 0.29 33.44
CA ALA B 16 -4.65 -1.10 33.08
C ALA B 16 -4.53 -1.22 31.57
N SER B 17 -4.38 -2.44 31.09
CA SER B 17 -4.26 -2.71 29.66
C SER B 17 -5.13 -3.91 29.30
N VAL B 18 -5.49 -3.99 28.02
CA VAL B 18 -6.29 -5.08 27.51
C VAL B 18 -5.76 -5.49 26.14
N THR B 19 -5.82 -6.78 25.84
CA THR B 19 -5.41 -7.28 24.51
C THR B 19 -6.68 -7.68 23.74
N LEU B 20 -6.86 -7.16 22.53
CA LEU B 20 -8.07 -7.46 21.73
C LEU B 20 -7.70 -8.46 20.64
N SER B 21 -8.63 -9.33 20.29
CA SER B 21 -8.32 -10.43 19.35
C SER B 21 -9.19 -10.42 18.10
N CYS B 22 -8.61 -10.83 16.97
CA CYS B 22 -9.35 -10.93 15.70
C CYS B 22 -8.96 -12.26 15.04
N LYS B 23 -9.81 -13.26 15.18
CA LYS B 23 -9.55 -14.58 14.57
C LYS B 23 -10.05 -14.57 13.12
N ALA B 24 -9.20 -15.03 12.21
CA ALA B 24 -9.56 -15.06 10.78
C ALA B 24 -9.80 -16.48 10.29
N SER B 25 -10.64 -16.64 9.29
CA SER B 25 -10.96 -17.96 8.70
C SER B 25 -11.34 -17.74 7.25
N GLY B 26 -11.05 -18.69 6.37
CA GLY B 26 -11.49 -18.60 4.97
C GLY B 26 -10.44 -18.07 4.03
N TYR B 27 -9.20 -17.94 4.47
CA TYR B 27 -8.11 -17.49 3.57
C TYR B 27 -6.74 -17.81 4.12
N ILE B 28 -5.70 -17.56 3.33
CA ILE B 28 -4.31 -17.75 3.86
C ILE B 28 -3.97 -16.51 4.67
N PHE B 29 -3.86 -16.67 5.98
CA PHE B 29 -3.63 -15.54 6.92
C PHE B 29 -2.39 -14.73 6.55
N THR B 30 -1.41 -15.36 5.93
CA THR B 30 -0.11 -14.69 5.62
C THR B 30 -0.24 -13.78 4.40
N ASP B 31 -1.32 -13.90 3.65
CA ASP B 31 -1.45 -13.11 2.40
C ASP B 31 -2.09 -11.75 2.69
N TYR B 32 -2.75 -11.60 3.83
CA TYR B 32 -3.44 -10.31 4.07
C TYR B 32 -3.06 -9.73 5.42
N GLU B 33 -2.89 -8.41 5.46
CA GLU B 33 -2.67 -7.72 6.75
C GLU B 33 -4.06 -7.38 7.31
N ILE B 34 -4.15 -7.20 8.62
CA ILE B 34 -5.45 -6.83 9.29
C ILE B 34 -5.39 -5.38 9.72
N HIS B 35 -6.43 -4.61 9.42
CA HIS B 35 -6.49 -3.19 9.83
C HIS B 35 -7.33 -3.06 11.11
N TRP B 36 -6.94 -2.14 11.97
CA TRP B 36 -7.64 -1.91 13.25
C TRP B 36 -8.24 -0.51 13.25
N LEU B 37 -9.40 -0.36 13.83
CA LEU B 37 -10.11 0.93 13.81
C LEU B 37 -10.81 1.18 15.14
N LYS B 38 -11.12 2.44 15.42
CA LYS B 38 -11.78 2.84 16.67
C LYS B 38 -12.97 3.72 16.31
N GLN B 39 -14.11 3.47 16.94
CA GLN B 39 -15.31 4.29 16.71
C GLN B 39 -15.86 4.85 18.02
N THR B 40 -16.07 6.15 18.06
CA THR B 40 -16.66 6.83 19.23
C THR B 40 -17.73 7.78 18.72
N PRO B 41 -18.76 8.11 19.52
CA PRO B 41 -19.76 9.11 19.11
C PRO B 41 -19.21 10.51 18.83
N VAL B 42 -18.08 10.89 19.45
CA VAL B 42 -17.48 12.24 19.30
C VAL B 42 -16.44 12.28 18.18
N HIS B 43 -15.54 11.30 18.12
CA HIS B 43 -14.42 11.35 17.14
C HIS B 43 -14.67 10.51 15.89
N GLY B 44 -15.73 9.72 15.87
CA GLY B 44 -16.09 8.95 14.65
C GLY B 44 -15.17 7.78 14.37
N LEU B 45 -14.99 7.44 13.10
CA LEU B 45 -14.14 6.31 12.69
C LEU B 45 -12.69 6.76 12.54
N GLU B 46 -11.80 6.08 13.25
CA GLU B 46 -10.38 6.43 13.23
C GLU B 46 -9.56 5.17 12.95
N TRP B 47 -8.72 5.23 11.94
CA TRP B 47 -7.81 4.12 11.63
C TRP B 47 -6.63 4.11 12.61
N ILE B 48 -6.30 2.95 13.15
CA ILE B 48 -5.18 2.82 14.12
C ILE B 48 -3.93 2.32 13.39
N GLY B 49 -4.07 1.24 12.62
CA GLY B 49 -2.88 0.67 11.99
C GLY B 49 -3.08 -0.75 11.53
N THR B 50 -1.99 -1.50 11.40
CA THR B 50 -2.10 -2.86 10.81
C THR B 50 -1.28 -3.93 11.50
N SER B 51 -1.87 -5.12 11.61
CA SER B 51 -1.15 -6.27 12.18
C SER B 51 -0.53 -7.03 11.01
N ASP B 52 0.79 -7.05 10.93
CA ASP B 52 1.51 -7.84 9.91
C ASP B 52 1.46 -9.29 10.36
N PRO B 53 0.92 -10.22 9.55
CA PRO B 53 0.79 -11.62 9.95
C PRO B 53 2.11 -12.37 10.20
N GLU B 54 3.25 -11.79 9.83
CA GLU B 54 4.57 -12.40 10.09
C GLU B 54 5.15 -11.79 11.38
N THR B 55 4.37 -11.00 12.11
CA THR B 55 4.83 -10.41 13.39
C THR B 55 3.82 -10.72 14.50
N PHE B 64 -2.02 7.32 18.06
CA PHE B 64 -2.24 6.05 18.80
C PHE B 64 -0.90 5.34 18.96
N LYS B 65 0.20 6.09 18.88
CA LYS B 65 1.54 5.44 18.89
C LYS B 65 1.77 4.58 20.12
N GLY B 66 1.92 5.17 21.30
CA GLY B 66 2.24 4.38 22.52
C GLY B 66 1.02 3.62 23.01
N LYS B 67 -0.18 4.07 22.66
CA LYS B 67 -1.42 3.43 23.14
C LYS B 67 -1.63 2.05 22.53
N ALA B 68 -1.28 1.89 21.27
CA ALA B 68 -1.62 0.62 20.61
C ALA B 68 -0.39 -0.17 20.21
N ILE B 69 -0.42 -1.46 20.48
CA ILE B 69 0.67 -2.38 20.06
C ILE B 69 -0.02 -3.44 19.22
N LEU B 70 0.40 -3.59 17.98
CA LEU B 70 -0.31 -4.52 17.07
C LEU B 70 0.55 -5.74 16.78
N THR B 71 -0.05 -6.92 16.86
CA THR B 71 0.71 -8.18 16.68
C THR B 71 -0.15 -9.20 15.92
N ALA B 72 0.40 -10.38 15.68
CA ALA B 72 -0.33 -11.47 15.00
C ALA B 72 0.34 -12.81 15.23
N ASP B 73 -0.43 -13.88 15.36
CA ASP B 73 0.11 -15.25 15.44
C ASP B 73 -0.46 -16.04 14.26
N LYS B 74 0.40 -16.42 13.32
CA LYS B 74 -0.02 -17.17 12.11
C LYS B 74 -0.55 -18.55 12.48
N SER B 75 -0.11 -19.10 13.60
CA SER B 75 -0.51 -20.47 13.99
C SER B 75 -1.97 -20.50 14.45
N SER B 76 -2.48 -19.39 14.99
CA SER B 76 -3.88 -19.32 15.47
C SER B 76 -4.71 -18.53 14.47
N SER B 77 -4.09 -18.04 13.40
CA SER B 77 -4.77 -17.16 12.42
C SER B 77 -5.41 -16.00 13.18
N THR B 78 -4.66 -15.40 14.10
CA THR B 78 -5.25 -14.35 14.95
C THR B 78 -4.42 -13.07 14.95
N ALA B 79 -5.07 -11.93 14.71
CA ALA B 79 -4.40 -10.62 14.82
C ALA B 79 -4.66 -10.07 16.22
N TYR B 80 -3.71 -9.32 16.77
CA TYR B 80 -3.86 -8.84 18.16
C TYR B 80 -3.66 -7.33 18.26
N MET B 81 -4.28 -6.72 19.27
CA MET B 81 -4.08 -5.27 19.53
C MET B 81 -4.11 -5.04 21.03
N GLU B 82 -2.96 -4.72 21.61
CA GLU B 82 -2.90 -4.40 23.04
C GLU B 82 -3.08 -2.90 23.20
N LEU B 83 -4.01 -2.51 24.06
CA LEU B 83 -4.17 -1.07 24.36
C LEU B 83 -3.54 -0.84 25.72
N ARG B 84 -2.64 0.13 25.83
CA ARG B 84 -1.85 0.38 27.07
C ARG B 84 -2.61 1.16 28.13
N SER B 85 -1.95 2.03 28.91
CA SER B 85 -2.58 2.74 30.06
C SER B 85 -3.90 3.40 29.64
N LEU B 86 -5.01 2.72 29.90
CA LEU B 86 -6.32 3.17 29.37
C LEU B 86 -6.93 4.30 30.18
N THR B 87 -7.64 5.19 29.49
CA THR B 87 -8.33 6.31 30.13
C THR B 87 -9.75 6.33 29.54
N SER B 88 -10.62 7.22 30.01
CA SER B 88 -12.00 7.35 29.48
C SER B 88 -12.01 7.55 27.96
N GLU B 89 -10.95 8.13 27.38
CA GLU B 89 -10.85 8.41 25.94
C GLU B 89 -10.70 7.14 25.11
N ASP B 90 -10.34 6.02 25.74
CA ASP B 90 -10.14 4.74 25.03
C ASP B 90 -11.43 3.90 25.09
N SER B 91 -12.46 4.42 25.73
CA SER B 91 -13.77 3.73 25.71
C SER B 91 -14.38 3.81 24.31
N ALA B 92 -14.53 2.68 23.60
CA ALA B 92 -14.98 2.75 22.22
C ALA B 92 -15.34 1.35 21.75
N VAL B 93 -15.82 1.28 20.50
CA VAL B 93 -15.92 0.03 19.75
C VAL B 93 -14.71 -0.07 18.84
N TYR B 94 -14.11 -1.24 18.78
CA TYR B 94 -12.91 -1.48 17.99
C TYR B 94 -13.22 -2.52 16.93
N TYR B 95 -12.85 -2.24 15.70
CA TYR B 95 -13.04 -3.16 14.59
C TYR B 95 -11.70 -3.62 14.05
N CYS B 96 -11.69 -4.85 13.54
CA CYS B 96 -10.65 -5.30 12.63
C CYS B 96 -11.30 -5.53 11.27
N THR B 97 -10.51 -5.37 10.21
CA THR B 97 -11.08 -5.41 8.88
C THR B 97 -10.00 -5.78 7.86
N ARG B 98 -10.46 -6.24 6.70
CA ARG B 98 -9.58 -6.76 5.66
C ARG B 98 -9.99 -6.21 4.31
N ARG B 99 -8.98 -6.02 3.45
CA ARG B 99 -9.21 -5.62 2.07
C ARG B 99 -9.93 -6.74 1.31
N PRO B 100 -10.66 -6.39 0.26
CA PRO B 100 -11.47 -7.42 -0.44
C PRO B 100 -10.65 -8.44 -1.22
N TYR B 101 -9.64 -8.01 -1.98
CA TYR B 101 -8.88 -8.94 -2.81
C TYR B 101 -7.39 -8.58 -2.76
N TYR B 102 -6.53 -9.47 -3.26
CA TYR B 102 -5.05 -9.34 -3.12
C TYR B 102 -4.44 -8.02 -3.60
N GLY B 103 -4.92 -7.46 -4.70
CA GLY B 103 -4.32 -6.25 -5.27
C GLY B 103 -5.11 -4.99 -4.98
N SER B 104 -6.09 -5.08 -4.11
CA SER B 104 -6.91 -3.91 -3.74
C SER B 104 -6.10 -2.92 -2.93
N GLY B 105 -6.44 -1.64 -3.02
CA GLY B 105 -5.85 -0.63 -2.12
C GLY B 105 -6.64 -0.64 -0.83
N ALA B 106 -6.40 0.31 0.06
CA ALA B 106 -6.98 0.29 1.41
C ALA B 106 -8.47 0.62 1.50
N TRP B 107 -9.31 -0.16 0.85
CA TRP B 107 -10.77 -0.04 1.02
C TRP B 107 -11.14 -1.30 1.80
N PHE B 108 -12.10 -1.19 2.72
CA PHE B 108 -12.35 -2.27 3.69
C PHE B 108 -13.67 -3.00 3.44
N ALA B 109 -13.58 -4.30 3.20
CA ALA B 109 -14.77 -5.08 2.82
C ALA B 109 -15.15 -6.12 3.88
N TYR B 110 -14.17 -6.74 4.51
CA TYR B 110 -14.48 -7.81 5.48
C TYR B 110 -14.25 -7.26 6.88
N TRP B 111 -15.32 -7.12 7.65
CA TRP B 111 -15.23 -6.51 8.99
C TRP B 111 -15.64 -7.47 10.10
N GLY B 112 -14.96 -7.40 11.25
CA GLY B 112 -15.42 -8.07 12.45
C GLY B 112 -16.69 -7.42 13.00
N GLN B 113 -17.29 -8.08 13.98
CA GLN B 113 -18.51 -7.60 14.62
C GLN B 113 -18.24 -6.45 15.58
N GLY B 114 -16.98 -6.17 15.89
CA GLY B 114 -16.67 -5.11 16.83
C GLY B 114 -16.57 -5.60 18.26
N THR B 115 -15.64 -5.01 19.01
CA THR B 115 -15.47 -5.27 20.43
C THR B 115 -15.67 -3.96 21.17
N LEU B 116 -16.57 -3.96 22.16
CA LEU B 116 -16.80 -2.78 22.99
C LEU B 116 -15.84 -2.80 24.18
N VAL B 117 -15.16 -1.69 24.42
CA VAL B 117 -14.25 -1.55 25.55
C VAL B 117 -14.74 -0.42 26.44
N THR B 118 -15.02 -0.76 27.70
CA THR B 118 -15.46 0.20 28.71
C THR B 118 -14.31 0.42 29.69
N VAL B 119 -13.90 1.67 29.84
CA VAL B 119 -12.82 2.03 30.76
C VAL B 119 -13.44 2.58 32.02
N SER B 120 -13.36 1.83 33.11
CA SER B 120 -14.07 2.21 34.33
C SER B 120 -13.50 1.47 35.53
N ALA B 121 -13.63 2.09 36.71
CA ALA B 121 -13.27 1.44 37.95
C ALA B 121 -14.44 0.70 38.60
N ALA B 122 -15.67 0.97 38.15
CA ALA B 122 -16.85 0.34 38.72
C ALA B 122 -16.82 -1.17 38.51
N SER B 123 -17.61 -1.87 39.31
CA SER B 123 -17.67 -3.33 39.29
C SER B 123 -18.70 -3.81 38.28
N THR B 124 -18.42 -4.97 37.68
CA THR B 124 -19.39 -5.58 36.79
C THR B 124 -20.50 -6.20 37.62
N LYS B 125 -21.74 -6.04 37.16
CA LYS B 125 -22.92 -6.51 37.88
C LYS B 125 -23.97 -7.01 36.89
N GLY B 126 -24.40 -8.26 37.07
CA GLY B 126 -25.42 -8.85 36.23
C GLY B 126 -26.79 -8.30 36.51
N PRO B 127 -27.67 -8.33 35.51
CA PRO B 127 -28.96 -7.67 35.62
C PRO B 127 -30.04 -8.56 36.25
N SER B 128 -31.09 -7.90 36.70
CA SER B 128 -32.34 -8.55 37.09
C SER B 128 -33.34 -8.39 35.95
N VAL B 129 -34.14 -9.43 35.72
CA VAL B 129 -35.08 -9.45 34.61
C VAL B 129 -36.48 -9.55 35.20
N PHE B 130 -37.25 -8.49 35.04
CA PHE B 130 -38.63 -8.45 35.49
C PHE B 130 -39.57 -8.42 34.30
N PRO B 131 -40.77 -8.97 34.45
CA PRO B 131 -41.73 -8.97 33.34
C PRO B 131 -42.57 -7.70 33.33
N LEU B 132 -42.94 -7.29 32.12
CA LEU B 132 -43.90 -6.22 31.89
C LEU B 132 -45.14 -6.87 31.29
N ALA B 133 -46.12 -7.14 32.12
CA ALA B 133 -47.24 -7.98 31.72
C ALA B 133 -48.28 -7.20 30.94
N PRO B 134 -48.94 -7.85 29.98
CA PRO B 134 -50.03 -7.21 29.26
C PRO B 134 -51.33 -7.24 30.04
N SER B 135 -52.16 -6.22 29.82
CA SER B 135 -53.44 -6.10 30.51
C SER B 135 -54.54 -5.69 29.55
N SER B 136 -55.52 -4.96 30.05
CA SER B 136 -56.61 -4.45 29.22
C SER B 136 -56.40 -2.97 28.90
N THR B 139 -53.91 -2.35 26.09
CA THR B 139 -54.45 -2.88 24.84
C THR B 139 -55.10 -1.78 24.01
N SER B 140 -54.44 -1.40 22.92
CA SER B 140 -54.99 -0.43 21.97
C SER B 140 -55.87 -1.17 20.99
N GLY B 141 -57.14 -1.35 21.36
CA GLY B 141 -58.09 -2.06 20.54
C GLY B 141 -57.67 -3.48 20.25
N GLY B 142 -56.97 -3.68 19.12
CA GLY B 142 -56.55 -4.99 18.69
C GLY B 142 -55.09 -5.33 18.95
N THR B 143 -54.36 -4.46 19.62
CA THR B 143 -52.93 -4.64 19.87
C THR B 143 -52.65 -4.67 21.37
N ALA B 144 -51.91 -5.68 21.81
CA ALA B 144 -51.42 -5.77 23.17
C ALA B 144 -49.89 -5.65 23.19
N ALA B 145 -49.36 -5.26 24.34
CA ALA B 145 -47.93 -5.03 24.50
C ALA B 145 -47.43 -5.77 25.73
N LEU B 146 -46.25 -6.37 25.61
CA LEU B 146 -45.62 -7.03 26.75
C LEU B 146 -44.12 -6.84 26.63
N GLY B 147 -43.40 -7.08 27.72
CA GLY B 147 -41.99 -6.78 27.67
C GLY B 147 -41.25 -7.31 28.88
N CYS B 148 -39.96 -7.01 28.88
CA CYS B 148 -39.03 -7.36 29.94
C CYS B 148 -38.24 -6.12 30.33
N LEU B 149 -38.06 -5.92 31.63
CA LEU B 149 -37.23 -4.84 32.16
C LEU B 149 -35.92 -5.46 32.63
N VAL B 150 -34.82 -5.09 31.98
CA VAL B 150 -33.48 -5.57 32.31
C VAL B 150 -32.80 -4.47 33.12
N LYS B 151 -32.73 -4.64 34.43
CA LYS B 151 -32.44 -3.56 35.36
C LYS B 151 -31.10 -3.71 36.05
N ASP B 152 -30.34 -2.62 36.11
CA ASP B 152 -29.20 -2.44 37.00
C ASP B 152 -28.02 -3.35 36.68
N TYR B 153 -27.44 -3.23 35.49
CA TYR B 153 -26.29 -4.03 35.11
C TYR B 153 -25.13 -3.14 34.71
N PHE B 154 -23.95 -3.75 34.64
CA PHE B 154 -22.72 -3.06 34.24
C PHE B 154 -21.67 -4.09 33.89
N PRO B 155 -20.91 -3.92 32.80
CA PRO B 155 -21.00 -2.81 31.84
C PRO B 155 -21.92 -3.16 30.68
N GLU B 156 -22.02 -2.29 29.67
CA GLU B 156 -22.64 -2.73 28.43
C GLU B 156 -21.79 -3.83 27.83
N PRO B 157 -22.37 -4.67 26.95
CA PRO B 157 -23.74 -4.60 26.49
C PRO B 157 -24.59 -5.81 26.89
N VAL B 158 -25.87 -5.74 26.56
CA VAL B 158 -26.83 -6.80 26.80
C VAL B 158 -27.55 -7.08 25.49
N THR B 159 -27.88 -8.35 25.26
CA THR B 159 -28.67 -8.75 24.10
C THR B 159 -29.98 -9.37 24.57
N VAL B 160 -31.05 -9.08 23.84
CA VAL B 160 -32.38 -9.61 24.14
C VAL B 160 -32.98 -10.15 22.85
N SER B 161 -33.49 -11.39 22.91
CA SER B 161 -34.32 -11.95 21.85
C SER B 161 -35.61 -12.46 22.48
N TRP B 162 -36.56 -12.86 21.63
CA TRP B 162 -37.86 -13.33 22.08
C TRP B 162 -38.13 -14.71 21.51
N ASN B 163 -38.58 -15.63 22.37
CA ASN B 163 -38.87 -17.00 21.98
C ASN B 163 -37.70 -17.58 21.18
N SER B 164 -36.52 -17.50 21.77
CA SER B 164 -35.30 -18.06 21.17
C SER B 164 -35.07 -17.54 19.75
N GLY B 165 -35.52 -16.31 19.48
CA GLY B 165 -35.33 -15.71 18.18
C GLY B 165 -36.45 -15.94 17.19
N ALA B 166 -37.42 -16.81 17.50
CA ALA B 166 -38.48 -17.11 16.55
C ALA B 166 -39.52 -15.99 16.45
N LEU B 167 -39.55 -15.06 17.41
CA LEU B 167 -40.47 -13.94 17.39
C LEU B 167 -39.66 -12.67 17.11
N THR B 168 -39.86 -12.09 15.93
CA THR B 168 -39.20 -10.84 15.57
C THR B 168 -40.16 -9.71 15.23
N SER B 169 -41.34 -10.00 14.67
CA SER B 169 -42.31 -8.96 14.39
C SER B 169 -42.70 -8.23 15.67
N GLY B 170 -42.77 -6.91 15.59
CA GLY B 170 -43.25 -6.10 16.70
C GLY B 170 -42.31 -5.97 17.86
N VAL B 171 -41.05 -6.32 17.68
CA VAL B 171 -40.07 -6.27 18.75
C VAL B 171 -39.36 -4.91 18.74
N HIS B 172 -39.22 -4.32 19.92
CA HIS B 172 -38.50 -3.07 20.11
C HIS B 172 -37.62 -3.23 21.33
N THR B 173 -36.31 -3.31 21.13
CA THR B 173 -35.36 -3.31 22.23
C THR B 173 -34.76 -1.92 22.33
N PHE B 174 -35.00 -1.25 23.44
CA PHE B 174 -34.62 0.14 23.58
C PHE B 174 -33.16 0.26 23.98
N PRO B 175 -32.47 1.30 23.48
CA PRO B 175 -31.12 1.59 23.98
C PRO B 175 -31.13 1.79 25.48
N ALA B 176 -30.12 1.23 26.15
CA ALA B 176 -30.03 1.38 27.60
C ALA B 176 -29.79 2.83 28.00
N VAL B 177 -30.36 3.20 29.16
CA VAL B 177 -30.06 4.48 29.81
C VAL B 177 -29.10 4.19 30.96
N LEU B 178 -28.26 5.17 31.28
CA LEU B 178 -27.37 5.08 32.43
C LEU B 178 -28.03 5.76 33.62
N GLN B 179 -28.22 5.00 34.70
CA GLN B 179 -28.89 5.55 35.88
C GLN B 179 -27.89 6.28 36.78
N SER B 180 -28.42 7.14 37.65
CA SER B 180 -27.57 7.88 38.57
C SER B 180 -26.73 6.96 39.44
N SER B 181 -27.16 5.71 39.64
CA SER B 181 -26.38 4.72 40.38
C SER B 181 -25.12 4.28 39.65
N GLY B 182 -24.98 4.59 38.36
CA GLY B 182 -23.89 4.04 37.59
C GLY B 182 -24.18 2.68 36.98
N LEU B 183 -25.43 2.22 37.03
CA LEU B 183 -25.84 0.99 36.40
C LEU B 183 -26.75 1.30 35.21
N TYR B 184 -26.75 0.40 34.24
CA TYR B 184 -27.58 0.55 33.06
C TYR B 184 -28.93 -0.12 33.27
N SER B 185 -29.90 0.30 32.47
CA SER B 185 -31.22 -0.30 32.49
C SER B 185 -31.85 -0.13 31.12
N LEU B 186 -32.57 -1.16 30.68
CA LEU B 186 -33.24 -1.10 29.39
C LEU B 186 -34.51 -1.93 29.45
N SER B 187 -35.35 -1.74 28.43
CA SER B 187 -36.55 -2.54 28.28
C SER B 187 -36.63 -3.05 26.84
N SER B 188 -37.16 -4.26 26.70
CA SER B 188 -37.50 -4.83 25.40
C SER B 188 -38.99 -5.17 25.43
N VAL B 189 -39.75 -4.59 24.50
CA VAL B 189 -41.18 -4.81 24.41
C VAL B 189 -41.48 -5.39 23.03
N VAL B 190 -42.50 -6.24 22.97
CA VAL B 190 -43.04 -6.74 21.72
C VAL B 190 -44.54 -6.46 21.73
N THR B 191 -45.07 -6.03 20.59
CA THR B 191 -46.51 -5.89 20.42
C THR B 191 -47.03 -7.05 19.59
N VAL B 192 -48.16 -7.59 20.03
CA VAL B 192 -48.76 -8.76 19.39
C VAL B 192 -50.25 -8.46 19.21
N PRO B 193 -50.90 -9.15 18.28
CA PRO B 193 -52.36 -9.01 18.16
C PRO B 193 -53.03 -9.49 19.43
N SER B 194 -54.04 -8.73 19.89
CA SER B 194 -54.78 -9.13 21.08
C SER B 194 -55.20 -10.59 21.01
N SER B 195 -55.64 -11.05 19.82
CA SER B 195 -56.12 -12.41 19.67
C SER B 195 -55.05 -13.46 19.94
N SER B 196 -53.77 -13.08 19.98
CA SER B 196 -52.69 -14.00 20.28
C SER B 196 -52.31 -14.04 21.75
N LEU B 197 -52.92 -13.21 22.59
CA LEU B 197 -52.47 -13.08 23.97
C LEU B 197 -52.53 -14.42 24.72
N GLY B 198 -53.64 -15.15 24.57
CA GLY B 198 -53.79 -16.36 25.34
C GLY B 198 -53.53 -17.66 24.60
N THR B 199 -52.87 -17.60 23.44
CA THR B 199 -52.63 -18.78 22.61
C THR B 199 -51.16 -19.17 22.52
N GLN B 200 -50.24 -18.37 23.03
CA GLN B 200 -48.83 -18.67 22.84
C GLN B 200 -48.02 -18.12 24.01
N THR B 201 -46.94 -18.82 24.33
CA THR B 201 -46.06 -18.40 25.41
C THR B 201 -45.06 -17.35 24.90
N TYR B 202 -44.69 -16.43 25.77
CA TYR B 202 -43.82 -15.29 25.40
C TYR B 202 -42.66 -15.22 26.39
N ILE B 203 -41.46 -15.51 25.90
CA ILE B 203 -40.27 -15.61 26.72
C ILE B 203 -39.21 -14.68 26.13
N CYS B 204 -38.65 -13.81 26.98
CA CYS B 204 -37.54 -12.97 26.58
C CYS B 204 -36.24 -13.64 27.05
N ASN B 205 -35.27 -13.70 26.14
CA ASN B 205 -33.98 -14.30 26.40
C ASN B 205 -32.97 -13.18 26.55
N VAL B 206 -32.27 -13.15 27.69
CA VAL B 206 -31.38 -12.06 28.05
C VAL B 206 -29.99 -12.62 28.29
N ASN B 207 -28.99 -12.05 27.61
CA ASN B 207 -27.60 -12.45 27.71
C ASN B 207 -26.75 -11.23 28.05
N HIS B 208 -26.09 -11.27 29.20
CA HIS B 208 -25.12 -10.27 29.62
C HIS B 208 -23.79 -10.99 29.77
N LYS B 209 -23.06 -11.14 28.67
CA LYS B 209 -21.83 -11.93 28.69
C LYS B 209 -20.79 -11.41 29.69
N PRO B 210 -20.62 -10.10 29.90
CA PRO B 210 -19.59 -9.66 30.85
C PRO B 210 -19.76 -10.24 32.25
N SER B 211 -20.99 -10.56 32.65
CA SER B 211 -21.25 -11.18 33.94
C SER B 211 -21.72 -12.62 33.82
N ASN B 212 -21.59 -13.21 32.63
CA ASN B 212 -22.01 -14.60 32.37
C ASN B 212 -23.41 -14.86 32.91
N THR B 213 -24.32 -13.93 32.64
CA THR B 213 -25.72 -14.05 33.02
C THR B 213 -26.53 -14.34 31.77
N LYS B 214 -27.29 -15.43 31.81
CA LYS B 214 -28.23 -15.83 30.78
C LYS B 214 -29.56 -16.14 31.48
N VAL B 215 -30.63 -15.51 31.04
CA VAL B 215 -31.92 -15.66 31.69
C VAL B 215 -33.01 -15.78 30.65
N ASP B 216 -33.86 -16.79 30.79
CA ASP B 216 -35.10 -16.92 30.04
C ASP B 216 -36.24 -16.61 30.99
N LYS B 217 -37.08 -15.65 30.61
CA LYS B 217 -38.13 -15.14 31.49
C LYS B 217 -39.45 -15.19 30.75
N ARG B 218 -40.42 -15.92 31.29
CA ARG B 218 -41.75 -15.91 30.73
C ARG B 218 -42.50 -14.67 31.18
N VAL B 219 -43.29 -14.11 30.28
CA VAL B 219 -44.11 -12.94 30.56
C VAL B 219 -45.55 -13.33 30.32
N GLU B 220 -46.34 -13.35 31.38
CA GLU B 220 -47.73 -13.75 31.32
C GLU B 220 -48.65 -12.56 31.55
N PRO B 221 -49.78 -12.49 30.84
CA PRO B 221 -50.78 -11.43 31.01
C PRO B 221 -51.39 -11.41 32.41
N GLU C 1 23.38 -7.83 7.29
CA GLU C 1 22.88 -7.13 6.11
C GLU C 1 22.19 -8.09 5.15
N VAL C 2 21.17 -7.59 4.45
CA VAL C 2 20.45 -8.40 3.48
C VAL C 2 21.33 -8.60 2.24
N GLN C 3 21.25 -9.79 1.64
CA GLN C 3 22.03 -10.10 0.46
C GLN C 3 21.20 -10.90 -0.53
N LEU C 4 21.33 -10.57 -1.81
CA LEU C 4 20.68 -11.29 -2.89
C LEU C 4 21.67 -11.43 -4.03
N VAL C 5 21.82 -12.64 -4.55
CA VAL C 5 22.79 -12.93 -5.60
C VAL C 5 22.09 -13.77 -6.68
N GLU C 6 22.00 -13.23 -7.88
CA GLU C 6 21.42 -13.92 -9.02
C GLU C 6 22.51 -14.49 -9.90
N SER C 7 22.19 -15.61 -10.55
CA SER C 7 23.13 -16.25 -11.47
C SER C 7 22.33 -17.05 -12.49
N GLY C 8 23.03 -17.61 -13.47
CA GLY C 8 22.43 -18.40 -14.51
C GLY C 8 22.27 -17.68 -15.84
N GLY C 9 22.49 -16.37 -15.87
CA GLY C 9 22.36 -15.65 -17.11
C GLY C 9 23.47 -15.97 -18.08
N GLY C 10 23.20 -15.73 -19.37
CA GLY C 10 24.16 -16.01 -20.40
C GLY C 10 23.55 -15.82 -21.77
N LEU C 11 24.26 -16.34 -22.78
CA LEU C 11 23.83 -16.27 -24.17
C LEU C 11 22.92 -17.43 -24.50
N VAL C 12 21.88 -17.16 -25.28
CA VAL C 12 20.86 -18.14 -25.59
C VAL C 12 20.30 -17.84 -26.97
N LYS C 13 20.03 -18.89 -27.74
CA LYS C 13 19.49 -18.68 -29.08
C LYS C 13 18.00 -18.37 -29.00
N PRO C 14 17.49 -17.54 -29.90
CA PRO C 14 16.05 -17.32 -29.97
C PRO C 14 15.29 -18.64 -29.94
N GLY C 15 14.35 -18.75 -29.00
CA GLY C 15 13.60 -19.97 -28.78
C GLY C 15 14.12 -20.83 -27.65
N GLY C 16 15.34 -20.58 -27.17
CA GLY C 16 15.96 -21.41 -26.16
C GLY C 16 15.31 -21.23 -24.80
N SER C 17 15.98 -21.79 -23.79
CA SER C 17 15.48 -21.82 -22.42
C SER C 17 16.60 -21.54 -21.44
N LEU C 18 16.29 -20.75 -20.41
CA LEU C 18 17.25 -20.38 -19.38
C LEU C 18 16.58 -20.51 -18.02
N ARG C 19 17.39 -20.76 -16.99
CA ARG C 19 16.90 -20.91 -15.62
C ARG C 19 17.74 -20.01 -14.71
N LEU C 20 17.21 -18.83 -14.38
CA LEU C 20 17.87 -17.97 -13.41
C LEU C 20 17.55 -18.41 -12.00
N SER C 21 18.46 -18.09 -11.07
CA SER C 21 18.24 -18.35 -9.66
C SER C 21 18.72 -17.15 -8.86
N CYS C 22 18.16 -17.00 -7.67
CA CYS C 22 18.57 -15.96 -6.73
C CYS C 22 18.69 -16.58 -5.34
N ALA C 23 19.84 -16.36 -4.71
CA ALA C 23 20.11 -16.86 -3.37
C ALA C 23 20.07 -15.69 -2.40
N ALA C 24 19.38 -15.88 -1.27
CA ALA C 24 19.16 -14.82 -0.30
C ALA C 24 19.74 -15.20 1.05
N SER C 25 20.17 -14.18 1.80
CA SER C 25 20.67 -14.39 3.16
C SER C 25 20.57 -13.08 3.92
N GLY C 26 20.46 -13.18 5.24
CA GLY C 26 20.32 -12.02 6.08
C GLY C 26 18.89 -11.63 6.39
N PHE C 27 17.92 -12.51 6.11
CA PHE C 27 16.53 -12.22 6.42
C PHE C 27 15.73 -13.50 6.28
N THR C 28 14.61 -13.56 7.00
CA THR C 28 13.70 -14.71 6.91
C THR C 28 13.07 -14.73 5.53
N PHE C 29 13.65 -15.50 4.62
CA PHE C 29 13.12 -15.67 3.28
C PHE C 29 11.61 -15.90 3.31
N SER C 30 11.16 -16.74 4.24
CA SER C 30 9.80 -17.26 4.24
C SER C 30 8.75 -16.20 4.52
N SER C 31 9.14 -15.00 4.93
CA SER C 31 8.19 -13.98 5.35
C SER C 31 7.97 -12.88 4.31
N TYR C 32 8.61 -12.97 3.15
CA TYR C 32 8.63 -11.85 2.21
C TYR C 32 8.18 -12.30 0.82
N SER C 33 7.51 -11.38 0.12
CA SER C 33 7.25 -11.56 -1.30
C SER C 33 8.53 -11.30 -2.10
N MET C 34 8.78 -12.14 -3.09
CA MET C 34 9.94 -12.07 -3.96
C MET C 34 9.51 -11.68 -5.37
N ASN C 35 10.44 -11.13 -6.15
CA ASN C 35 10.09 -10.58 -7.45
C ASN C 35 11.26 -10.67 -8.41
N TRP C 36 10.94 -10.58 -9.70
CA TRP C 36 11.92 -10.45 -10.76
C TRP C 36 11.65 -9.16 -11.53
N VAL C 37 12.69 -8.36 -11.72
CA VAL C 37 12.62 -7.11 -12.47
C VAL C 37 13.78 -7.08 -13.45
N ARG C 38 13.50 -6.67 -14.69
CA ARG C 38 14.50 -6.69 -15.74
C ARG C 38 14.66 -5.31 -16.36
N GLN C 39 15.86 -5.07 -16.90
CA GLN C 39 16.21 -3.78 -17.49
C GLN C 39 17.02 -4.03 -18.75
N ALA C 40 16.44 -3.71 -19.91
CA ALA C 40 17.14 -3.90 -21.17
C ALA C 40 18.31 -2.93 -21.27
N PRO C 41 19.34 -3.28 -22.07
CA PRO C 41 20.50 -2.39 -22.25
C PRO C 41 20.09 -0.94 -22.52
N GLY C 42 20.54 -0.03 -21.65
CA GLY C 42 20.25 1.39 -21.82
C GLY C 42 18.78 1.76 -21.82
N LYS C 43 17.92 0.89 -21.28
CA LYS C 43 16.49 1.16 -21.24
C LYS C 43 16.00 1.19 -19.80
N GLY C 44 14.67 1.16 -19.62
CA GLY C 44 14.07 1.34 -18.33
C GLY C 44 13.88 0.03 -17.56
N LEU C 45 13.08 0.12 -16.49
CA LEU C 45 12.80 -1.02 -15.63
C LEU C 45 11.42 -1.56 -15.93
N GLU C 46 11.30 -2.89 -15.88
CA GLU C 46 10.03 -3.54 -16.14
C GLU C 46 9.87 -4.72 -15.18
N TRP C 47 8.83 -4.65 -14.34
CA TRP C 47 8.51 -5.77 -13.47
C TRP C 47 8.17 -6.99 -14.32
N VAL C 48 8.53 -8.17 -13.82
CA VAL C 48 8.38 -9.41 -14.58
C VAL C 48 7.40 -10.35 -13.88
N SER C 49 7.71 -10.70 -12.63
CA SER C 49 6.93 -11.72 -11.92
C SER C 49 7.08 -11.53 -10.43
N SER C 50 6.06 -12.01 -9.70
CA SER C 50 6.02 -11.92 -8.25
C SER C 50 5.45 -13.20 -7.67
N ILE C 51 6.03 -13.67 -6.56
CA ILE C 51 5.58 -14.85 -5.85
C ILE C 51 5.41 -14.51 -4.38
N SER C 52 4.27 -14.91 -3.80
CA SER C 52 4.02 -14.62 -2.40
C SER C 52 4.94 -15.46 -1.51
N SER C 53 5.01 -15.09 -0.23
CA SER C 53 5.83 -15.82 0.73
C SER C 53 5.41 -17.27 0.85
N SER C 54 4.22 -17.64 0.37
CA SER C 54 3.73 -19.00 0.45
C SER C 54 3.57 -19.65 -0.90
N SER C 55 3.91 -18.98 -2.00
CA SER C 55 3.69 -19.51 -3.33
C SER C 55 2.20 -19.58 -3.66
N SER C 56 1.36 -19.09 -2.74
CA SER C 56 -0.07 -19.15 -2.97
C SER C 56 -0.51 -18.16 -4.04
N TYR C 57 0.22 -17.07 -4.23
CA TYR C 57 -0.11 -16.06 -5.23
C TYR C 57 1.08 -15.85 -6.16
N ILE C 58 0.85 -16.05 -7.45
CA ILE C 58 1.88 -15.91 -8.47
C ILE C 58 1.30 -15.07 -9.60
N TYR C 59 2.06 -14.07 -10.05
CA TYR C 59 1.60 -13.16 -11.08
C TYR C 59 2.71 -12.90 -12.07
N TYR C 60 2.34 -12.55 -13.30
CA TYR C 60 3.28 -12.38 -14.39
C TYR C 60 2.93 -11.13 -15.19
N ALA C 61 3.97 -10.47 -15.72
CA ALA C 61 3.75 -9.44 -16.71
C ALA C 61 3.18 -10.07 -17.98
N ASP C 62 2.26 -9.38 -18.63
CA ASP C 62 1.66 -9.89 -19.86
C ASP C 62 2.74 -10.34 -20.85
N SER C 63 3.78 -9.52 -21.02
CA SER C 63 4.84 -9.77 -22.00
C SER C 63 5.57 -11.08 -21.77
N VAL C 64 5.37 -11.74 -20.63
CA VAL C 64 6.02 -13.02 -20.34
C VAL C 64 5.03 -14.11 -20.01
N LYS C 65 3.73 -13.80 -19.95
CA LYS C 65 2.73 -14.81 -19.60
C LYS C 65 2.80 -15.98 -20.56
N GLY C 66 2.86 -17.20 -20.00
CA GLY C 66 2.90 -18.40 -20.78
C GLY C 66 4.28 -18.92 -21.10
N ARG C 67 5.31 -18.07 -21.01
CA ARG C 67 6.68 -18.47 -21.28
C ARG C 67 7.55 -18.56 -20.04
N PHE C 68 7.28 -17.74 -19.03
CA PHE C 68 8.09 -17.70 -17.83
C PHE C 68 7.35 -18.37 -16.69
N THR C 69 8.10 -18.98 -15.77
CA THR C 69 7.56 -19.63 -14.59
C THR C 69 8.40 -19.22 -13.39
N ILE C 70 7.78 -18.58 -12.41
CA ILE C 70 8.45 -18.22 -11.17
C ILE C 70 8.18 -19.31 -10.15
N SER C 71 9.09 -19.44 -9.19
CA SER C 71 8.94 -20.40 -8.11
C SER C 71 10.02 -20.13 -7.07
N ARG C 72 9.84 -20.70 -5.88
CA ARG C 72 10.75 -20.43 -4.77
C ARG C 72 10.88 -21.67 -3.91
N ASP C 73 12.02 -21.77 -3.23
CA ASP C 73 12.32 -22.86 -2.29
C ASP C 73 12.67 -22.24 -0.94
N ASN C 74 11.71 -22.28 -0.01
CA ASN C 74 11.87 -21.55 1.24
C ASN C 74 12.84 -22.24 2.19
N ALA C 75 12.96 -23.57 2.11
CA ALA C 75 13.98 -24.26 2.88
C ALA C 75 15.37 -23.92 2.37
N LYS C 76 15.54 -23.83 1.05
CA LYS C 76 16.82 -23.51 0.44
C LYS C 76 17.04 -22.01 0.27
N ASN C 77 16.11 -21.17 0.74
CA ASN C 77 16.26 -19.72 0.68
C ASN C 77 16.61 -19.26 -0.74
N SER C 78 15.90 -19.82 -1.72
CA SER C 78 16.27 -19.61 -3.12
C SER C 78 15.02 -19.27 -3.93
N LEU C 79 15.23 -18.45 -4.97
CA LEU C 79 14.18 -18.05 -5.89
C LEU C 79 14.62 -18.36 -7.31
N TYR C 80 13.68 -18.74 -8.17
CA TYR C 80 13.99 -19.25 -9.50
C TYR C 80 13.10 -18.61 -10.54
N LEU C 81 13.61 -18.55 -11.78
CA LEU C 81 12.86 -18.09 -12.95
C LEU C 81 13.18 -19.02 -14.12
N GLN C 82 12.18 -19.78 -14.56
CA GLN C 82 12.32 -20.69 -15.69
C GLN C 82 11.81 -20.00 -16.94
N MET C 83 12.75 -19.64 -17.83
CA MET C 83 12.44 -18.86 -19.03
C MET C 83 12.43 -19.80 -20.23
N ASN C 84 11.32 -19.80 -20.98
CA ASN C 84 11.18 -20.63 -22.17
C ASN C 84 10.70 -19.79 -23.34
N SER C 85 10.87 -20.34 -24.53
CA SER C 85 10.53 -19.63 -25.77
C SER C 85 11.14 -18.23 -25.80
N LEU C 86 12.39 -18.13 -25.36
CA LEU C 86 13.05 -16.83 -25.29
C LEU C 86 13.07 -16.15 -26.66
N ARG C 87 13.02 -14.83 -26.64
CA ARG C 87 13.08 -14.03 -27.85
C ARG C 87 14.13 -12.94 -27.67
N ALA C 88 14.47 -12.28 -28.78
CA ALA C 88 15.51 -11.26 -28.75
C ALA C 88 15.18 -10.16 -27.74
N GLU C 89 13.91 -9.75 -27.68
CA GLU C 89 13.48 -8.65 -26.83
C GLU C 89 13.54 -8.99 -25.34
N ASP C 90 13.81 -10.26 -24.99
CA ASP C 90 14.02 -10.62 -23.60
C ASP C 90 15.44 -10.33 -23.13
N THR C 91 16.30 -9.83 -24.00
CA THR C 91 17.67 -9.48 -23.63
C THR C 91 17.66 -8.38 -22.58
N ALA C 92 18.29 -8.63 -21.45
CA ALA C 92 18.30 -7.65 -20.38
C ALA C 92 19.10 -8.18 -19.20
N VAL C 93 19.33 -7.31 -18.23
CA VAL C 93 19.77 -7.72 -16.90
C VAL C 93 18.53 -8.06 -16.08
N TYR C 94 18.56 -9.18 -15.38
CA TYR C 94 17.43 -9.64 -14.60
C TYR C 94 17.77 -9.50 -13.13
N TYR C 95 16.97 -8.69 -12.43
CA TYR C 95 17.17 -8.42 -11.02
C TYR C 95 16.18 -9.23 -10.20
N CYS C 96 16.66 -9.80 -9.10
CA CYS C 96 15.80 -10.37 -8.08
C CYS C 96 15.63 -9.33 -6.98
N ALA C 97 14.38 -9.11 -6.57
CA ALA C 97 14.04 -7.97 -5.71
C ALA C 97 13.01 -8.38 -4.67
N ARG C 98 13.24 -8.00 -3.42
CA ARG C 98 12.33 -8.32 -2.32
C ARG C 98 11.28 -7.22 -2.17
N LEU C 99 10.09 -7.64 -1.77
CA LEU C 99 8.96 -6.73 -1.53
C LEU C 99 8.86 -6.42 -0.04
N GLY C 100 9.03 -5.15 0.32
CA GLY C 100 8.89 -4.74 1.70
C GLY C 100 7.44 -4.74 2.17
N TYR C 101 7.28 -4.48 3.47
CA TYR C 101 5.94 -4.45 4.05
C TYR C 101 5.29 -3.09 3.84
N CYS C 102 3.97 -3.11 3.68
CA CYS C 102 3.18 -1.89 3.59
C CYS C 102 1.76 -2.18 4.07
N SER C 103 1.07 -1.12 4.47
CA SER C 103 -0.27 -1.21 5.05
C SER C 103 -1.31 -0.78 4.02
N GLY C 104 -1.51 -1.62 3.02
CA GLY C 104 -2.34 -1.27 1.88
C GLY C 104 -1.65 -0.26 0.97
N GLY C 105 -2.17 -0.17 -0.25
CA GLY C 105 -1.63 0.77 -1.22
C GLY C 105 -0.46 0.27 -2.03
N SER C 106 -0.10 -1.01 -1.93
CA SER C 106 0.90 -1.65 -2.78
C SER C 106 2.33 -1.30 -2.36
N CYS C 107 3.20 -2.30 -2.28
CA CYS C 107 4.46 -2.19 -1.58
C CYS C 107 5.60 -1.81 -2.54
N HIS C 108 6.77 -1.63 -1.96
CA HIS C 108 7.98 -1.22 -2.67
C HIS C 108 8.97 -2.36 -2.71
N PHE C 109 9.95 -2.24 -3.60
CA PHE C 109 11.09 -3.16 -3.70
C PHE C 109 12.22 -2.59 -2.85
N ASP C 110 12.44 -3.16 -1.66
CA ASP C 110 13.42 -2.57 -0.75
C ASP C 110 14.84 -3.10 -0.95
N TYR C 111 15.01 -4.31 -1.50
CA TYR C 111 16.35 -4.82 -1.74
C TYR C 111 16.43 -5.47 -3.11
N TRP C 112 17.49 -5.14 -3.85
CA TRP C 112 17.73 -5.65 -5.19
C TRP C 112 19.04 -6.41 -5.23
N GLY C 113 19.07 -7.47 -6.04
CA GLY C 113 20.32 -8.14 -6.32
C GLY C 113 21.17 -7.37 -7.31
N GLN C 114 22.43 -7.80 -7.44
CA GLN C 114 23.34 -7.12 -8.36
C GLN C 114 22.89 -7.28 -9.81
N GLY C 115 22.17 -8.35 -10.12
CA GLY C 115 21.69 -8.60 -11.47
C GLY C 115 22.46 -9.72 -12.16
N THR C 116 21.88 -10.17 -13.28
CA THR C 116 22.51 -11.18 -14.11
C THR C 116 22.08 -10.94 -15.56
N LEU C 117 23.06 -10.91 -16.46
CA LEU C 117 22.78 -10.56 -17.85
C LEU C 117 22.24 -11.76 -18.62
N VAL C 118 21.24 -11.51 -19.46
CA VAL C 118 20.67 -12.52 -20.34
C VAL C 118 20.71 -11.97 -21.76
N THR C 119 21.31 -12.75 -22.66
CA THR C 119 21.56 -12.32 -24.03
C THR C 119 20.93 -13.35 -24.95
N VAL C 120 19.84 -12.96 -25.61
CA VAL C 120 19.11 -13.85 -26.51
C VAL C 120 19.51 -13.45 -27.93
N SER C 121 20.29 -14.30 -28.59
CA SER C 121 20.86 -13.96 -29.88
C SER C 121 21.22 -15.24 -30.62
N SER C 122 21.03 -15.22 -31.93
CA SER C 122 21.47 -16.30 -32.79
C SER C 122 22.98 -16.28 -33.04
N ALA C 123 23.69 -15.27 -32.54
CA ALA C 123 25.13 -15.19 -32.74
C ALA C 123 25.85 -16.19 -31.83
N SER C 124 27.07 -16.55 -32.24
CA SER C 124 27.85 -17.57 -31.57
C SER C 124 28.86 -16.94 -30.63
N THR C 125 29.17 -17.64 -29.54
CA THR C 125 30.18 -17.18 -28.60
C THR C 125 31.55 -17.11 -29.27
N LYS C 126 32.15 -15.91 -29.30
CA LYS C 126 33.41 -15.65 -29.98
C LYS C 126 34.46 -15.26 -28.95
N GLY C 127 35.55 -16.03 -28.89
CA GLY C 127 36.65 -15.70 -28.01
C GLY C 127 37.48 -14.56 -28.55
N PRO C 128 38.22 -13.89 -27.66
CA PRO C 128 39.00 -12.72 -28.08
C PRO C 128 40.42 -13.06 -28.51
N SER C 129 40.96 -12.19 -29.36
CA SER C 129 42.38 -12.19 -29.70
C SER C 129 43.04 -11.04 -28.95
N VAL C 130 44.06 -11.35 -28.17
CA VAL C 130 44.73 -10.38 -27.31
C VAL C 130 46.07 -10.02 -27.92
N PHE C 131 46.24 -8.75 -28.26
CA PHE C 131 47.46 -8.20 -28.85
C PHE C 131 48.05 -7.12 -27.94
N PRO C 132 49.37 -6.99 -27.91
CA PRO C 132 49.99 -5.98 -27.06
C PRO C 132 50.09 -4.63 -27.75
N LEU C 133 50.10 -3.59 -26.92
CA LEU C 133 50.29 -2.21 -27.37
C LEU C 133 51.61 -1.74 -26.76
N ALA C 134 52.65 -1.68 -27.59
CA ALA C 134 54.01 -1.47 -27.08
C ALA C 134 54.15 -0.10 -26.43
N PRO C 135 54.89 0.01 -25.34
CA PRO C 135 54.97 1.27 -24.59
C PRO C 135 55.24 2.48 -25.48
N SER C 136 54.64 3.61 -25.09
CA SER C 136 54.81 4.89 -25.76
C SER C 136 54.83 6.00 -24.70
N SER C 137 55.63 7.04 -24.95
CA SER C 137 55.84 8.10 -23.98
C SER C 137 55.28 9.46 -24.40
N LYS C 138 54.94 9.66 -25.67
CA LYS C 138 54.64 11.01 -26.13
C LYS C 138 53.47 11.64 -25.38
N SER C 139 52.47 10.84 -25.01
CA SER C 139 51.25 11.39 -24.44
C SER C 139 51.20 11.31 -22.91
N THR C 140 52.19 10.68 -22.27
CA THR C 140 52.18 10.51 -20.82
C THR C 140 53.07 11.53 -20.12
N SER C 141 52.87 11.64 -18.81
CA SER C 141 53.63 12.57 -17.98
C SER C 141 55.11 12.25 -18.03
N GLY C 142 55.94 13.26 -17.75
CA GLY C 142 57.38 13.10 -17.77
C GLY C 142 57.86 11.89 -16.99
N GLY C 143 58.65 11.04 -17.64
CA GLY C 143 59.21 9.88 -16.97
C GLY C 143 58.28 8.68 -16.85
N THR C 144 57.09 8.74 -17.43
CA THR C 144 56.17 7.62 -17.45
C THR C 144 55.86 7.24 -18.89
N ALA C 145 55.36 6.02 -19.08
CA ALA C 145 55.03 5.51 -20.40
C ALA C 145 53.70 4.79 -20.34
N ALA C 146 52.98 4.82 -21.47
CA ALA C 146 51.71 4.14 -21.61
C ALA C 146 51.93 2.79 -22.28
N LEU C 147 51.34 1.75 -21.70
CA LEU C 147 51.51 0.38 -22.16
C LEU C 147 50.14 -0.28 -22.13
N GLY C 148 49.80 -1.03 -23.19
CA GLY C 148 48.42 -1.44 -23.40
C GLY C 148 48.26 -2.88 -23.85
N CYS C 149 47.00 -3.31 -23.85
CA CYS C 149 46.57 -4.59 -24.40
C CYS C 149 45.27 -4.38 -25.15
N LEU C 150 45.19 -4.88 -26.38
CA LEU C 150 44.00 -4.77 -27.22
C LEU C 150 43.27 -6.10 -27.25
N VAL C 151 42.03 -6.13 -26.77
CA VAL C 151 41.18 -7.31 -26.76
C VAL C 151 40.22 -7.22 -27.94
N LYS C 152 40.37 -8.10 -28.91
CA LYS C 152 39.75 -7.95 -30.22
C LYS C 152 38.68 -9.01 -30.47
N ASP C 153 37.55 -8.57 -31.03
CA ASP C 153 36.56 -9.46 -31.66
C ASP C 153 36.12 -10.59 -30.72
N TYR C 154 35.45 -10.20 -29.64
CA TYR C 154 34.86 -11.14 -28.71
C TYR C 154 33.36 -10.91 -28.63
N PHE C 155 32.66 -11.90 -28.07
CA PHE C 155 31.21 -11.90 -27.93
C PHE C 155 30.75 -13.11 -27.13
N PRO C 156 29.80 -12.94 -26.20
CA PRO C 156 29.21 -11.65 -25.84
C PRO C 156 29.98 -10.95 -24.72
N GLU C 157 29.42 -9.89 -24.16
CA GLU C 157 30.02 -9.26 -22.99
C GLU C 157 29.84 -10.14 -21.76
N PRO C 158 30.69 -9.98 -20.74
CA PRO C 158 31.76 -9.00 -20.59
C PRO C 158 33.17 -9.60 -20.59
N VAL C 159 34.17 -8.73 -20.54
CA VAL C 159 35.56 -9.12 -20.37
C VAL C 159 36.10 -8.43 -19.11
N THR C 160 36.96 -9.13 -18.38
CA THR C 160 37.69 -8.55 -17.27
C THR C 160 39.18 -8.53 -17.59
N VAL C 161 39.86 -7.45 -17.21
CA VAL C 161 41.28 -7.30 -17.45
C VAL C 161 41.95 -6.82 -16.17
N SER C 162 43.01 -7.50 -15.77
CA SER C 162 43.87 -7.04 -14.69
C SER C 162 45.31 -6.96 -15.18
N TRP C 163 46.26 -6.67 -14.29
CA TRP C 163 47.66 -6.56 -14.66
C TRP C 163 48.54 -7.18 -13.58
N ASN C 164 49.57 -7.89 -14.00
CA ASN C 164 50.47 -8.61 -13.10
C ASN C 164 49.68 -9.33 -12.01
N SER C 165 48.59 -9.98 -12.44
CA SER C 165 47.74 -10.80 -11.57
C SER C 165 47.07 -9.97 -10.49
N GLY C 166 46.71 -8.72 -10.81
CA GLY C 166 46.09 -7.84 -9.85
C GLY C 166 47.06 -7.09 -8.96
N ALA C 167 48.34 -7.45 -8.97
CA ALA C 167 49.32 -6.72 -8.16
C ALA C 167 49.46 -5.27 -8.63
N LEU C 168 49.27 -5.00 -9.92
CA LEU C 168 49.45 -3.67 -10.49
C LEU C 168 48.09 -3.00 -10.59
N THR C 169 47.83 -2.05 -9.70
CA THR C 169 46.55 -1.34 -9.63
C THR C 169 46.64 0.11 -10.04
N SER C 170 47.69 0.83 -9.62
CA SER C 170 47.80 2.25 -9.90
C SER C 170 48.20 2.48 -11.34
N GLY C 171 47.44 3.32 -12.04
CA GLY C 171 47.72 3.65 -13.43
C GLY C 171 46.92 2.88 -14.45
N VAL C 172 46.08 1.92 -14.04
CA VAL C 172 45.33 1.08 -14.96
C VAL C 172 44.11 1.83 -15.47
N HIS C 173 43.77 1.61 -16.73
CA HIS C 173 42.60 2.25 -17.33
C HIS C 173 42.03 1.33 -18.39
N THR C 174 40.98 0.60 -18.03
CA THR C 174 40.25 -0.23 -18.99
C THR C 174 39.12 0.58 -19.58
N PHE C 175 39.05 0.62 -20.91
CA PHE C 175 38.05 1.41 -21.62
C PHE C 175 36.82 0.56 -21.93
N PRO C 176 35.64 1.17 -21.94
CA PRO C 176 34.44 0.43 -22.36
C PRO C 176 34.61 -0.10 -23.78
N ALA C 177 34.21 -1.34 -23.99
CA ALA C 177 34.34 -1.98 -25.28
C ALA C 177 33.58 -1.20 -26.34
N VAL C 178 33.98 -1.40 -27.59
CA VAL C 178 33.25 -0.87 -28.73
C VAL C 178 32.38 -1.99 -29.29
N LEU C 179 31.22 -1.63 -29.83
CA LEU C 179 30.31 -2.56 -30.46
C LEU C 179 30.39 -2.35 -31.97
N GLN C 180 31.07 -3.27 -32.65
CA GLN C 180 31.31 -3.11 -34.07
C GLN C 180 30.04 -3.36 -34.87
N SER C 181 30.06 -2.91 -36.12
CA SER C 181 28.94 -3.17 -37.02
C SER C 181 28.70 -4.66 -37.20
N SER C 182 29.72 -5.49 -36.97
CA SER C 182 29.62 -6.93 -37.07
C SER C 182 28.96 -7.56 -35.85
N GLY C 183 28.66 -6.79 -34.81
CA GLY C 183 28.13 -7.32 -33.59
C GLY C 183 29.17 -7.78 -32.59
N LEU C 184 30.44 -7.82 -32.97
CA LEU C 184 31.49 -8.23 -32.06
C LEU C 184 31.92 -7.04 -31.19
N TYR C 185 32.63 -7.36 -30.12
CA TYR C 185 33.11 -6.36 -29.18
C TYR C 185 34.63 -6.26 -29.24
N SER C 186 35.13 -5.06 -28.91
CA SER C 186 36.56 -4.83 -28.80
C SER C 186 36.79 -3.79 -27.72
N LEU C 187 37.80 -4.02 -26.88
CA LEU C 187 38.17 -3.05 -25.86
C LEU C 187 39.68 -3.04 -25.71
N SER C 188 40.19 -1.92 -25.20
CA SER C 188 41.61 -1.77 -24.91
C SER C 188 41.80 -1.43 -23.43
N SER C 189 42.91 -1.92 -22.88
CA SER C 189 43.29 -1.62 -21.50
C SER C 189 44.75 -1.18 -21.49
N VAL C 190 45.01 0.04 -21.03
CA VAL C 190 46.37 0.57 -20.99
C VAL C 190 46.68 0.99 -19.57
N VAL C 191 47.96 0.91 -19.22
CA VAL C 191 48.45 1.28 -17.90
C VAL C 191 49.72 2.12 -18.08
N THR C 192 49.79 3.24 -17.36
CA THR C 192 50.97 4.11 -17.41
C THR C 192 51.92 3.72 -16.29
N VAL C 193 53.19 3.53 -16.64
CA VAL C 193 54.18 3.02 -15.68
C VAL C 193 55.44 3.88 -15.74
N PRO C 194 56.35 3.75 -14.77
CA PRO C 194 57.59 4.54 -14.80
C PRO C 194 58.45 4.20 -16.00
N SER C 195 58.83 5.23 -16.76
CA SER C 195 59.64 5.03 -17.95
C SER C 195 60.96 4.33 -17.64
N SER C 196 61.46 4.47 -16.41
CA SER C 196 62.73 3.88 -16.05
C SER C 196 62.64 2.36 -15.93
N SER C 197 61.55 1.84 -15.36
CA SER C 197 61.41 0.42 -15.13
C SER C 197 61.07 -0.37 -16.39
N LEU C 198 61.01 0.27 -17.56
CA LEU C 198 60.61 -0.42 -18.76
C LEU C 198 61.56 -1.54 -19.15
N GLY C 199 62.72 -1.65 -18.50
CA GLY C 199 63.70 -2.66 -18.88
C GLY C 199 63.73 -3.86 -17.97
N THR C 200 63.49 -3.68 -16.68
CA THR C 200 63.61 -4.76 -15.71
C THR C 200 62.28 -5.24 -15.15
N GLN C 201 61.19 -4.50 -15.35
CA GLN C 201 59.87 -4.89 -14.86
C GLN C 201 59.11 -5.59 -15.98
N THR C 202 58.55 -6.75 -15.66
CA THR C 202 57.67 -7.45 -16.59
C THR C 202 56.25 -6.98 -16.40
N TYR C 203 55.51 -6.87 -17.51
CA TYR C 203 54.15 -6.37 -17.51
C TYR C 203 53.27 -7.34 -18.30
N ILE C 204 52.31 -7.96 -17.60
CA ILE C 204 51.40 -8.93 -18.20
C ILE C 204 49.97 -8.45 -18.00
N CYS C 205 49.18 -8.48 -19.06
CA CYS C 205 47.76 -8.20 -18.96
C CYS C 205 46.99 -9.52 -18.92
N ASN C 206 46.13 -9.65 -17.92
CA ASN C 206 45.34 -10.85 -17.71
C ASN C 206 43.92 -10.59 -18.18
N VAL C 207 43.53 -11.22 -19.29
CA VAL C 207 42.22 -11.04 -19.91
C VAL C 207 41.39 -12.28 -19.61
N ASN C 208 40.17 -12.07 -19.11
CA ASN C 208 39.27 -13.16 -18.78
C ASN C 208 37.95 -12.92 -19.51
N HIS C 209 37.56 -13.89 -20.35
CA HIS C 209 36.31 -13.85 -21.09
C HIS C 209 35.55 -15.13 -20.72
N LYS C 210 34.96 -15.13 -19.53
CA LYS C 210 34.20 -16.29 -19.07
C LYS C 210 33.13 -16.74 -20.05
N PRO C 211 32.43 -15.87 -20.77
CA PRO C 211 31.43 -16.34 -21.75
C PRO C 211 31.95 -17.40 -22.71
N SER C 212 33.25 -17.43 -22.98
CA SER C 212 33.83 -18.43 -23.87
C SER C 212 34.84 -19.33 -23.18
N ASN C 213 35.09 -19.16 -21.89
CA ASN C 213 36.05 -19.96 -21.13
C ASN C 213 37.47 -19.76 -21.64
N THR C 214 37.80 -18.52 -22.00
CA THR C 214 39.12 -18.15 -22.51
C THR C 214 39.83 -17.26 -21.50
N LYS C 215 41.06 -17.65 -21.13
CA LYS C 215 41.95 -16.83 -20.33
C LYS C 215 43.25 -16.65 -21.09
N VAL C 216 43.75 -15.41 -21.10
CA VAL C 216 44.96 -15.06 -21.82
C VAL C 216 45.85 -14.23 -20.91
N ASP C 217 47.15 -14.53 -20.90
CA ASP C 217 48.15 -13.74 -20.20
C ASP C 217 49.16 -13.26 -21.23
N LYS C 218 49.13 -11.95 -21.54
CA LYS C 218 49.96 -11.38 -22.59
C LYS C 218 51.05 -10.52 -21.99
N ARG C 219 52.31 -10.84 -22.32
CA ARG C 219 53.43 -9.99 -21.95
C ARG C 219 53.53 -8.83 -22.91
N VAL C 220 53.82 -7.64 -22.37
CA VAL C 220 53.96 -6.43 -23.16
C VAL C 220 55.38 -5.92 -22.95
N GLU C 221 56.05 -5.57 -24.04
CA GLU C 221 57.46 -5.19 -23.98
C GLU C 221 57.72 -4.12 -25.01
N PRO C 222 58.75 -3.29 -24.80
CA PRO C 222 59.01 -2.21 -25.76
C PRO C 222 59.48 -2.74 -27.10
N LYS C 223 59.08 -2.05 -28.17
CA LYS C 223 59.51 -2.43 -29.52
C LYS C 223 61.02 -2.31 -29.65
N PCA D 1 0.82 0.13 -23.31
CA PCA D 1 0.44 -0.24 -21.95
CB PCA D 1 1.07 -1.56 -21.54
CG PCA D 1 2.15 -1.85 -22.57
CD PCA D 1 1.87 -0.85 -23.65
OE PCA D 1 2.46 -0.87 -24.72
C PCA D 1 0.87 0.86 -20.99
O PCA D 1 1.85 1.57 -21.26
N PRO D 2 0.17 1.02 -19.88
CA PRO D 2 0.45 2.17 -19.01
C PRO D 2 1.88 2.17 -18.46
N VAL D 3 2.40 3.39 -18.35
CA VAL D 3 3.65 3.67 -17.66
C VAL D 3 3.45 4.97 -16.88
N LEU D 4 4.35 5.22 -15.94
CA LEU D 4 4.40 6.52 -15.27
C LEU D 4 5.31 7.44 -16.07
N THR D 5 4.81 8.63 -16.39
CA THR D 5 5.53 9.58 -17.24
C THR D 5 6.43 10.46 -16.40
N GLN D 6 7.73 10.44 -16.71
CA GLN D 6 8.70 11.38 -16.18
C GLN D 6 9.39 12.15 -17.30
N PRO D 7 9.95 13.32 -17.01
CA PRO D 7 10.80 13.98 -18.01
C PRO D 7 12.10 13.22 -18.21
N PRO D 8 12.56 13.05 -19.45
CA PRO D 8 13.80 12.30 -19.67
C PRO D 8 15.04 12.96 -19.07
N SER D 9 15.02 14.27 -18.84
CA SER D 9 16.16 14.98 -18.27
C SER D 9 15.69 16.07 -17.32
N VAL D 10 16.51 16.34 -16.29
CA VAL D 10 16.30 17.43 -15.34
C VAL D 10 17.66 17.97 -14.93
N SER D 11 17.81 19.28 -14.95
CA SER D 11 19.09 19.94 -14.69
C SER D 11 18.98 20.92 -13.54
N GLY D 12 20.08 21.07 -12.80
CA GLY D 12 20.15 22.04 -11.73
C GLY D 12 21.57 22.34 -11.30
N ALA D 13 21.84 23.59 -10.96
CA ALA D 13 23.15 23.98 -10.47
C ALA D 13 23.30 23.59 -9.00
N PRO D 14 24.53 23.43 -8.52
CA PRO D 14 24.74 23.04 -7.13
C PRO D 14 24.06 24.03 -6.18
N GLY D 15 23.48 23.48 -5.11
CA GLY D 15 22.79 24.27 -4.11
C GLY D 15 21.32 24.51 -4.39
N GLN D 16 20.88 24.39 -5.64
CA GLN D 16 19.50 24.64 -6.00
C GLN D 16 18.60 23.50 -5.52
N ARG D 17 17.31 23.66 -5.78
CA ARG D 17 16.30 22.65 -5.52
C ARG D 17 15.65 22.27 -6.84
N VAL D 18 15.63 20.98 -7.14
CA VAL D 18 15.07 20.48 -8.39
C VAL D 18 13.97 19.49 -8.06
N THR D 19 13.02 19.34 -9.00
CA THR D 19 11.93 18.38 -8.87
C THR D 19 11.90 17.51 -10.11
N ILE D 20 11.52 16.25 -9.90
CA ILE D 20 11.25 15.31 -10.98
C ILE D 20 9.79 14.89 -10.84
N SER D 21 8.98 15.24 -11.85
CA SER D 21 7.56 14.94 -11.81
C SER D 21 7.30 13.53 -12.32
N CYS D 22 6.21 12.94 -11.84
CA CYS D 22 5.88 11.56 -12.16
C CYS D 22 4.35 11.49 -12.25
N THR D 23 3.83 11.46 -13.48
CA THR D 23 2.40 11.54 -13.70
C THR D 23 1.86 10.16 -14.08
N GLY D 24 0.79 9.76 -13.39
CA GLY D 24 0.16 8.48 -13.64
C GLY D 24 -1.26 8.62 -14.13
N SER D 25 -2.17 7.79 -13.64
CA SER D 25 -3.54 7.81 -14.11
C SER D 25 -4.46 7.38 -12.98
N SER D 26 -5.75 7.42 -13.24
CA SER D 26 -6.74 7.00 -12.25
C SER D 26 -6.64 5.52 -11.92
N SER D 27 -5.90 4.74 -12.71
CA SER D 27 -5.71 3.33 -12.45
C SER D 27 -4.50 3.02 -11.59
N ASN D 28 -3.65 4.01 -11.30
CA ASN D 28 -2.52 3.78 -10.40
C ASN D 28 -2.46 4.85 -9.33
N ILE D 29 -1.66 5.90 -9.58
CA ILE D 29 -1.49 6.95 -8.58
C ILE D 29 -2.85 7.52 -8.18
N GLY D 30 -3.72 7.76 -9.16
CA GLY D 30 -4.98 8.42 -8.90
C GLY D 30 -5.92 7.60 -8.02
N ALA D 31 -5.75 6.28 -7.98
CA ALA D 31 -6.58 5.42 -7.15
C ALA D 31 -6.01 5.20 -5.76
N GLY D 32 -4.89 5.85 -5.43
CA GLY D 32 -4.32 5.75 -4.10
C GLY D 32 -3.18 4.77 -3.95
N TYR D 33 -2.84 4.02 -5.01
CA TYR D 33 -1.68 3.14 -4.95
C TYR D 33 -0.40 3.94 -4.75
N ASP D 34 0.35 3.61 -3.71
CA ASP D 34 1.44 4.47 -3.27
C ASP D 34 2.55 4.54 -4.32
N VAL D 35 3.33 5.62 -4.25
CA VAL D 35 4.40 5.91 -5.20
C VAL D 35 5.74 5.71 -4.52
N HIS D 36 6.67 5.06 -5.21
CA HIS D 36 8.00 4.78 -4.68
C HIS D 36 9.05 5.26 -5.68
N TRP D 37 10.22 5.61 -5.15
CA TRP D 37 11.29 6.20 -5.95
C TRP D 37 12.58 5.43 -5.76
N TYR D 38 13.32 5.26 -6.84
CA TYR D 38 14.59 4.54 -6.83
C TYR D 38 15.66 5.37 -7.54
N GLN D 39 16.90 5.22 -7.07
CA GLN D 39 18.06 5.88 -7.67
C GLN D 39 19.01 4.82 -8.22
N GLN D 40 19.48 5.01 -9.45
CA GLN D 40 20.40 4.09 -10.08
C GLN D 40 21.63 4.85 -10.57
N LEU D 41 22.78 4.43 -10.12
CA LEU D 41 24.01 5.00 -10.63
C LEU D 41 24.59 4.11 -11.71
N PRO D 42 25.33 4.68 -12.66
CA PRO D 42 25.83 3.89 -13.79
C PRO D 42 26.50 2.60 -13.34
N GLY D 43 26.09 1.48 -13.95
CA GLY D 43 26.68 0.20 -13.67
C GLY D 43 26.26 -0.45 -12.36
N THR D 44 25.23 0.08 -11.70
CA THR D 44 24.75 -0.49 -10.44
C THR D 44 23.26 -0.80 -10.55
N ALA D 45 22.76 -1.55 -9.57
CA ALA D 45 21.34 -1.86 -9.52
C ALA D 45 20.58 -0.70 -8.86
N PRO D 46 19.28 -0.61 -9.09
CA PRO D 46 18.48 0.43 -8.44
C PRO D 46 18.48 0.26 -6.93
N LYS D 47 18.38 1.39 -6.22
CA LYS D 47 18.30 1.41 -4.77
C LYS D 47 17.07 2.18 -4.33
N LEU D 48 16.42 1.70 -3.27
CA LEU D 48 15.27 2.39 -2.72
C LEU D 48 15.67 3.78 -2.22
N LEU D 49 15.07 4.81 -2.81
CA LEU D 49 15.32 6.20 -2.40
C LEU D 49 14.17 6.78 -1.58
N ILE D 50 12.93 6.54 -2.02
CA ILE D 50 11.74 6.98 -1.29
C ILE D 50 10.71 5.86 -1.40
N TYR D 51 10.01 5.60 -0.30
CA TYR D 51 8.94 4.62 -0.30
C TYR D 51 7.73 5.17 0.44
N GLY D 52 6.56 4.61 0.14
CA GLY D 52 5.33 5.12 0.72
C GLY D 52 5.08 6.58 0.44
N ASN D 53 5.33 7.02 -0.80
CA ASN D 53 5.06 8.38 -1.20
C ASN D 53 6.09 9.37 -0.65
N SER D 54 6.41 9.28 0.65
CA SER D 54 7.29 10.29 1.22
C SER D 54 8.22 9.78 2.32
N ASN D 55 8.40 8.47 2.49
CA ASN D 55 9.25 7.97 3.56
C ASN D 55 10.67 7.73 3.05
N ARG D 56 11.66 8.28 3.77
CA ARG D 56 13.06 8.06 3.42
C ARG D 56 13.58 6.84 4.17
N PRO D 57 14.23 5.90 3.49
CA PRO D 57 14.86 4.79 4.21
C PRO D 57 16.04 5.29 5.03
N SER D 58 16.58 4.39 5.84
CA SER D 58 17.75 4.71 6.65
C SER D 58 18.96 4.86 5.74
N GLY D 59 19.51 6.07 5.67
CA GLY D 59 20.68 6.37 4.86
C GLY D 59 20.47 7.40 3.78
N VAL D 60 19.22 7.66 3.39
CA VAL D 60 18.93 8.67 2.37
C VAL D 60 18.96 10.04 3.04
N PRO D 61 19.81 10.96 2.60
CA PRO D 61 19.84 12.29 3.21
C PRO D 61 18.48 12.95 3.15
N ASP D 62 18.21 13.84 4.12
CA ASP D 62 16.92 14.50 4.18
C ASP D 62 16.73 15.57 3.10
N ARG D 63 17.71 15.78 2.23
CA ARG D 63 17.52 16.65 1.07
C ARG D 63 16.55 16.05 0.06
N PHE D 64 16.38 14.72 0.07
CA PHE D 64 15.43 14.05 -0.80
C PHE D 64 14.07 13.98 -0.10
N SER D 65 13.01 14.34 -0.82
CA SER D 65 11.67 14.29 -0.25
C SER D 65 10.66 13.97 -1.34
N GLY D 66 9.59 13.27 -0.94
CA GLY D 66 8.54 12.89 -1.86
C GLY D 66 7.18 13.41 -1.48
N SER D 67 6.29 13.51 -2.47
CA SER D 67 4.94 14.01 -2.26
C SER D 67 4.12 13.67 -3.49
N LYS D 68 2.81 13.84 -3.38
CA LYS D 68 1.94 13.55 -4.51
C LYS D 68 0.63 14.30 -4.34
N SER D 69 -0.08 14.43 -5.45
CA SER D 69 -1.32 15.19 -5.48
C SER D 69 -2.04 14.87 -6.78
N GLY D 70 -3.29 14.45 -6.69
CA GLY D 70 -3.97 13.97 -7.89
C GLY D 70 -3.27 12.74 -8.43
N THR D 71 -3.16 12.67 -9.75
CA THR D 71 -2.51 11.54 -10.41
C THR D 71 -1.00 11.73 -10.56
N SER D 72 -0.42 12.75 -9.93
CA SER D 72 0.97 13.11 -10.13
C SER D 72 1.76 12.97 -8.84
N ALA D 73 3.01 12.55 -8.97
CA ALA D 73 3.95 12.44 -7.87
C ALA D 73 5.19 13.28 -8.18
N SER D 74 5.96 13.58 -7.13
CA SER D 74 7.05 14.53 -7.28
C SER D 74 8.19 14.18 -6.32
N LEU D 75 9.39 14.09 -6.87
CA LEU D 75 10.61 13.95 -6.09
C LEU D 75 11.35 15.28 -6.12
N ALA D 76 11.76 15.75 -4.95
CA ALA D 76 12.43 17.03 -4.82
C ALA D 76 13.78 16.85 -4.12
N ILE D 77 14.80 17.51 -4.65
CA ILE D 77 16.15 17.47 -4.09
C ILE D 77 16.58 18.90 -3.82
N THR D 78 16.67 19.27 -2.54
CA THR D 78 17.22 20.56 -2.16
C THR D 78 18.74 20.47 -2.04
N GLY D 79 19.41 21.59 -2.26
CA GLY D 79 20.86 21.63 -2.17
C GLY D 79 21.48 20.60 -3.09
N LEU D 80 21.12 20.67 -4.37
CA LEU D 80 21.62 19.74 -5.37
C LEU D 80 23.13 19.59 -5.29
N GLN D 81 23.58 18.35 -5.10
CA GLN D 81 25.00 18.04 -5.09
C GLN D 81 25.41 17.39 -6.41
N ALA D 82 26.71 17.50 -6.72
CA ALA D 82 27.22 16.86 -7.92
C ALA D 82 27.10 15.34 -7.86
N GLU D 83 27.18 14.76 -6.66
CA GLU D 83 27.08 13.31 -6.50
C GLU D 83 25.66 12.80 -6.63
N ASP D 84 24.67 13.69 -6.75
CA ASP D 84 23.29 13.27 -6.99
C ASP D 84 23.03 12.89 -8.44
N GLU D 85 23.97 13.17 -9.35
CA GLU D 85 23.81 12.78 -10.74
C GLU D 85 23.54 11.28 -10.82
N ALA D 86 22.50 10.93 -11.57
CA ALA D 86 22.07 9.53 -11.65
C ALA D 86 20.73 9.46 -12.38
N ASP D 87 20.16 8.27 -12.46
CA ASP D 87 18.82 8.09 -12.99
C ASP D 87 17.84 7.85 -11.84
N TYR D 88 16.64 8.41 -11.98
CA TYR D 88 15.61 8.32 -10.96
C TYR D 88 14.36 7.73 -11.58
N TYR D 89 13.79 6.73 -10.91
CA TYR D 89 12.55 6.10 -11.34
C TYR D 89 11.51 6.23 -10.24
N CYS D 90 10.31 6.59 -10.63
CA CYS D 90 9.17 6.44 -9.75
C CYS D 90 8.50 5.10 -10.04
N GLN D 91 7.69 4.65 -9.08
CA GLN D 91 7.05 3.35 -9.23
C GLN D 91 5.77 3.31 -8.41
N SER D 92 4.81 2.52 -8.89
CA SER D 92 3.53 2.40 -8.24
C SER D 92 2.93 1.05 -8.64
N TYR D 93 1.60 0.96 -8.58
CA TYR D 93 0.89 -0.25 -8.95
C TYR D 93 -0.32 0.16 -9.76
N ASP D 94 -0.59 -0.60 -10.83
CA ASP D 94 -1.66 -0.30 -11.77
C ASP D 94 -2.62 -1.47 -11.78
N SER D 95 -3.90 -1.20 -11.53
CA SER D 95 -4.88 -2.26 -11.41
C SER D 95 -5.47 -2.68 -12.75
N SER D 96 -5.28 -1.89 -13.80
CA SER D 96 -5.71 -2.31 -15.13
C SER D 96 -4.85 -3.47 -15.64
N LEU D 97 -5.41 -4.23 -16.58
CA LEU D 97 -4.69 -5.35 -17.21
C LEU D 97 -4.37 -6.45 -16.19
N SER D 98 -5.26 -6.66 -15.23
CA SER D 98 -5.16 -7.70 -14.20
C SER D 98 -4.14 -7.34 -13.12
N GLY D 99 -3.48 -6.19 -13.20
CA GLY D 99 -2.60 -5.75 -12.13
C GLY D 99 -1.14 -5.99 -12.41
N PHE D 100 -0.32 -4.96 -12.19
CA PHE D 100 1.13 -5.08 -12.38
C PHE D 100 1.80 -3.90 -11.69
N TYR D 101 3.00 -4.14 -11.17
CA TYR D 101 3.84 -3.05 -10.71
C TYR D 101 4.30 -2.25 -11.92
N VAL D 102 4.07 -0.94 -11.90
CA VAL D 102 4.34 -0.08 -13.04
C VAL D 102 5.46 0.90 -12.69
N PHE D 103 6.39 1.09 -13.61
CA PHE D 103 7.54 1.96 -13.42
C PHE D 103 7.42 3.21 -14.27
N GLY D 104 8.03 4.29 -13.79
CA GLY D 104 8.15 5.49 -14.59
C GLY D 104 9.25 5.38 -15.63
N THR D 105 9.10 6.19 -16.69
CA THR D 105 10.04 6.13 -17.80
C THR D 105 11.45 6.52 -17.40
N GLY D 106 11.65 7.22 -16.29
CA GLY D 106 12.99 7.51 -15.84
C GLY D 106 13.43 8.92 -16.20
N THR D 107 14.28 9.49 -15.35
CA THR D 107 14.79 10.85 -15.51
C THR D 107 16.28 10.85 -15.23
N LYS D 108 17.08 11.29 -16.20
CA LYS D 108 18.50 11.48 -15.97
C LYS D 108 18.72 12.86 -15.36
N LEU D 109 19.40 12.89 -14.21
CA LEU D 109 19.62 14.12 -13.45
C LEU D 109 21.06 14.58 -13.61
N THR D 110 21.25 15.72 -14.28
CA THR D 110 22.57 16.29 -14.51
C THR D 110 22.73 17.56 -13.70
N VAL D 111 23.87 17.68 -13.01
CA VAL D 111 24.25 18.91 -12.33
C VAL D 111 25.04 19.78 -13.29
N LEU D 112 24.61 21.02 -13.46
CA LEU D 112 25.25 21.96 -14.37
C LEU D 112 26.42 22.68 -13.67
N GLY D 113 27.24 23.34 -14.47
CA GLY D 113 28.37 24.08 -13.95
C GLY D 113 29.65 23.29 -13.84
N GLN D 114 29.64 22.01 -14.17
CA GLN D 114 30.88 21.26 -14.20
C GLN D 114 31.84 21.92 -15.18
N PRO D 115 33.09 22.15 -14.82
CA PRO D 115 34.00 22.89 -15.70
C PRO D 115 34.55 22.02 -16.81
N LYS D 116 34.61 22.60 -18.01
CA LYS D 116 35.12 21.86 -19.15
C LYS D 116 36.53 21.35 -18.90
N ALA D 117 36.88 20.26 -19.56
CA ALA D 117 38.22 19.70 -19.52
C ALA D 117 38.54 19.13 -20.89
N ALA D 118 39.79 19.38 -21.36
CA ALA D 118 40.20 18.90 -22.68
C ALA D 118 40.72 17.47 -22.60
N PRO D 119 40.52 16.69 -23.66
CA PRO D 119 40.84 15.25 -23.60
C PRO D 119 42.33 14.97 -23.66
N SER D 120 42.70 13.86 -23.02
CA SER D 120 43.99 13.22 -23.25
C SER D 120 43.82 12.15 -24.33
N VAL D 121 44.69 12.16 -25.33
CA VAL D 121 44.55 11.28 -26.49
C VAL D 121 45.84 10.48 -26.69
N THR D 122 45.69 9.16 -26.86
CA THR D 122 46.80 8.27 -27.11
C THR D 122 46.51 7.44 -28.35
N LEU D 123 47.53 7.23 -29.19
CA LEU D 123 47.36 6.58 -30.48
C LEU D 123 48.37 5.44 -30.61
N PHE D 124 47.86 4.22 -30.71
CA PHE D 124 48.78 3.11 -30.90
C PHE D 124 48.78 2.65 -32.35
N PRO D 125 49.95 2.34 -32.90
CA PRO D 125 50.00 1.70 -34.22
C PRO D 125 49.70 0.22 -34.11
N PRO D 126 49.47 -0.47 -35.22
CA PRO D 126 49.27 -1.93 -35.15
C PRO D 126 50.51 -2.63 -34.65
N SER D 127 50.33 -3.51 -33.66
CA SER D 127 51.44 -4.30 -33.16
C SER D 127 52.01 -5.17 -34.27
N SER D 128 53.19 -5.74 -34.00
CA SER D 128 53.83 -6.62 -34.98
C SER D 128 53.15 -7.98 -35.02
N GLU D 129 52.62 -8.45 -33.88
CA GLU D 129 51.93 -9.74 -33.83
C GLU D 129 50.61 -9.68 -34.60
N GLU D 130 49.86 -8.58 -34.45
CA GLU D 130 48.61 -8.46 -35.19
C GLU D 130 48.85 -8.59 -36.69
N LEU D 131 49.80 -7.81 -37.20
CA LEU D 131 50.16 -7.92 -38.62
C LEU D 131 50.44 -9.36 -39.01
N GLN D 132 51.12 -10.10 -38.14
CA GLN D 132 51.38 -11.52 -38.39
C GLN D 132 50.10 -12.36 -38.42
N ALA D 133 48.98 -11.83 -37.94
CA ALA D 133 47.67 -12.46 -38.10
C ALA D 133 46.90 -11.89 -39.27
N ASN D 134 47.56 -11.14 -40.16
CA ASN D 134 46.95 -10.57 -41.35
C ASN D 134 45.89 -9.52 -41.02
N LYS D 135 46.08 -8.78 -39.92
CA LYS D 135 45.16 -7.73 -39.53
C LYS D 135 45.95 -6.54 -39.00
N ALA D 136 45.30 -5.38 -38.99
CA ALA D 136 45.94 -4.15 -38.51
C ALA D 136 44.87 -3.23 -37.93
N THR D 137 45.01 -2.90 -36.64
CA THR D 137 44.05 -2.04 -35.96
C THR D 137 44.80 -0.93 -35.25
N LEU D 138 44.43 0.31 -35.56
CA LEU D 138 44.93 1.46 -34.81
C LEU D 138 43.96 1.82 -33.69
N VAL D 139 44.51 2.12 -32.52
CA VAL D 139 43.71 2.38 -31.31
C VAL D 139 43.88 3.84 -30.92
N CYS D 140 42.76 4.56 -30.80
CA CYS D 140 42.75 5.96 -30.36
C CYS D 140 41.96 6.06 -29.06
N LEU D 141 42.66 6.26 -27.95
CA LEU D 141 42.04 6.40 -26.63
C LEU D 141 41.88 7.87 -26.28
N ILE D 142 40.64 8.30 -26.08
CA ILE D 142 40.31 9.67 -25.68
C ILE D 142 39.72 9.63 -24.28
N SER D 143 40.31 10.37 -23.35
CA SER D 143 39.88 10.32 -21.96
C SER D 143 39.96 11.69 -21.30
N ASP D 144 39.24 11.82 -20.18
CA ASP D 144 39.36 12.96 -19.27
C ASP D 144 38.82 14.26 -19.88
N PHE D 145 37.72 14.17 -20.62
CA PHE D 145 37.14 15.37 -21.21
C PHE D 145 35.74 15.63 -20.67
N TYR D 146 35.30 16.88 -20.81
CA TYR D 146 34.00 17.33 -20.33
C TYR D 146 33.61 18.65 -20.97
N PRO D 147 32.38 18.79 -21.48
CA PRO D 147 31.36 17.73 -21.47
C PRO D 147 31.69 16.57 -22.44
N GLY D 148 30.73 15.68 -22.68
CA GLY D 148 30.97 14.43 -23.37
C GLY D 148 30.97 14.45 -24.89
N ALA D 149 30.50 15.52 -25.52
CA ALA D 149 30.42 15.56 -26.98
C ALA D 149 31.84 15.62 -27.57
N VAL D 150 32.25 14.55 -28.22
CA VAL D 150 33.56 14.47 -28.87
C VAL D 150 33.38 13.98 -30.30
N THR D 151 34.33 14.32 -31.16
CA THR D 151 34.24 13.97 -32.56
C THR D 151 35.59 13.45 -33.04
N VAL D 152 35.59 12.26 -33.63
CA VAL D 152 36.80 11.60 -34.10
C VAL D 152 36.74 11.46 -35.61
N ALA D 153 37.87 11.71 -36.26
CA ALA D 153 38.03 11.49 -37.69
C ALA D 153 39.41 10.90 -37.95
N TRP D 154 39.51 10.07 -38.98
CA TRP D 154 40.75 9.41 -39.34
C TRP D 154 41.22 9.88 -40.72
N LYS D 155 42.53 10.00 -40.88
CA LYS D 155 43.12 10.43 -42.13
C LYS D 155 44.22 9.45 -42.53
N ALA D 156 44.24 9.07 -43.80
CA ALA D 156 45.35 8.32 -44.38
C ALA D 156 46.20 9.28 -45.19
N ASP D 157 47.46 9.43 -44.80
CA ASP D 157 48.27 10.53 -45.31
C ASP D 157 47.58 11.85 -44.96
N SER D 158 46.92 12.45 -45.94
CA SER D 158 46.12 13.66 -45.71
C SER D 158 44.82 13.55 -46.50
N SER D 159 44.07 12.47 -46.25
CA SER D 159 42.80 12.23 -46.91
C SER D 159 41.94 11.36 -46.00
N PRO D 160 40.70 11.78 -45.73
CA PRO D 160 39.90 11.09 -44.70
C PRO D 160 39.56 9.66 -45.08
N VAL D 161 39.55 8.79 -44.08
CA VAL D 161 39.32 7.36 -44.29
C VAL D 161 37.84 7.11 -44.53
N LYS D 162 37.53 6.37 -45.59
CA LYS D 162 36.15 6.07 -45.92
C LYS D 162 35.48 5.25 -44.82
N ALA D 163 35.88 4.00 -44.65
CA ALA D 163 35.25 3.15 -43.64
C ALA D 163 36.29 2.42 -42.78
N GLY D 164 35.84 1.43 -42.02
CA GLY D 164 36.70 0.71 -41.11
C GLY D 164 36.79 1.31 -39.72
N VAL D 165 36.09 2.41 -39.46
CA VAL D 165 36.19 3.14 -38.20
C VAL D 165 35.10 2.66 -37.25
N GLU D 166 35.50 2.35 -36.02
CA GLU D 166 34.57 2.00 -34.94
C GLU D 166 34.86 2.96 -33.79
N THR D 167 33.88 3.77 -33.42
CA THR D 167 34.02 4.70 -32.31
C THR D 167 32.96 4.41 -31.27
N THR D 168 33.38 4.24 -30.02
CA THR D 168 32.42 4.12 -28.93
C THR D 168 31.78 5.46 -28.63
N THR D 169 30.67 5.40 -27.89
CA THR D 169 30.01 6.56 -27.33
C THR D 169 30.60 6.87 -25.95
N PRO D 170 30.90 8.13 -25.68
CA PRO D 170 31.58 8.46 -24.43
C PRO D 170 30.77 8.02 -23.22
N SER D 171 31.49 7.67 -22.16
CA SER D 171 30.88 7.32 -20.89
C SER D 171 31.77 7.84 -19.77
N LYS D 172 31.15 8.12 -18.62
CA LYS D 172 31.85 8.77 -17.52
C LYS D 172 32.66 7.77 -16.72
N GLN D 173 33.88 8.17 -16.36
CA GLN D 173 34.77 7.36 -15.55
C GLN D 173 34.59 7.70 -14.07
N SER D 174 35.34 6.99 -13.22
CA SER D 174 35.24 7.19 -11.79
C SER D 174 35.61 8.62 -11.37
N ASN D 175 36.35 9.35 -12.21
CA ASN D 175 36.72 10.73 -11.92
C ASN D 175 35.70 11.73 -12.42
N ASN D 176 34.54 11.27 -12.88
CA ASN D 176 33.42 12.08 -13.33
C ASN D 176 33.65 12.72 -14.69
N LYS D 177 34.78 12.44 -15.34
CA LYS D 177 35.03 12.87 -16.71
C LYS D 177 34.77 11.74 -17.69
N TYR D 178 34.73 12.08 -18.97
CA TYR D 178 34.34 11.16 -20.03
C TYR D 178 35.56 10.53 -20.70
N ALA D 179 35.33 9.37 -21.32
CA ALA D 179 36.35 8.66 -22.07
C ALA D 179 35.68 7.98 -23.26
N ALA D 180 36.42 7.87 -24.36
CA ALA D 180 35.92 7.26 -25.58
C ALA D 180 37.03 6.47 -26.26
N SER D 181 36.65 5.67 -27.25
CA SER D 181 37.58 4.80 -27.97
C SER D 181 37.23 4.80 -29.44
N SER D 182 38.25 4.96 -30.28
CA SER D 182 38.07 4.90 -31.73
C SER D 182 39.11 3.94 -32.30
N TYR D 183 38.64 3.03 -33.16
CA TYR D 183 39.45 2.00 -33.79
C TYR D 183 39.40 2.14 -35.30
N LEU D 184 40.54 1.95 -35.96
CA LEU D 184 40.63 1.98 -37.41
C LEU D 184 41.21 0.66 -37.89
N SER D 185 40.40 -0.12 -38.60
CA SER D 185 40.80 -1.42 -39.12
C SER D 185 41.39 -1.25 -40.52
N LEU D 186 42.56 -1.83 -40.75
CA LEU D 186 43.21 -1.78 -42.04
C LEU D 186 43.81 -3.16 -42.35
N THR D 187 44.04 -3.41 -43.63
CA THR D 187 44.84 -4.57 -44.00
C THR D 187 46.31 -4.23 -43.86
N PRO D 188 47.18 -5.22 -43.72
CA PRO D 188 48.62 -4.95 -43.71
C PRO D 188 49.09 -4.18 -44.93
N GLU D 189 48.46 -4.37 -46.09
CA GLU D 189 48.91 -3.70 -47.31
C GLU D 189 48.67 -2.20 -47.24
N GLN D 190 47.54 -1.77 -46.67
CA GLN D 190 47.31 -0.34 -46.52
C GLN D 190 48.23 0.27 -45.47
N TRP D 191 48.46 -0.45 -44.37
CA TRP D 191 49.28 0.10 -43.30
C TRP D 191 50.70 0.39 -43.77
N LYS D 192 51.27 -0.51 -44.57
CA LYS D 192 52.65 -0.32 -45.03
C LYS D 192 52.74 0.45 -46.33
N SER D 193 51.65 0.52 -47.11
CA SER D 193 51.66 1.22 -48.38
C SER D 193 51.35 2.71 -48.26
N HIS D 194 51.00 3.19 -47.08
CA HIS D 194 50.73 4.61 -46.86
C HIS D 194 51.89 5.24 -46.08
N ARG D 195 52.03 6.55 -46.26
CA ARG D 195 53.09 7.27 -45.55
C ARG D 195 52.80 7.34 -44.06
N SER D 196 51.53 7.59 -43.69
CA SER D 196 51.17 7.77 -42.29
C SER D 196 49.67 7.69 -42.15
N TYR D 197 49.22 7.57 -40.90
CA TYR D 197 47.81 7.57 -40.53
C TYR D 197 47.61 8.48 -39.32
N SER D 198 46.43 9.09 -39.21
CA SER D 198 46.18 10.12 -38.22
C SER D 198 44.84 9.91 -37.51
N CYS D 199 44.85 10.13 -36.19
CA CYS D 199 43.63 10.25 -35.41
C CYS D 199 43.37 11.72 -35.13
N GLN D 200 42.15 12.18 -35.42
CA GLN D 200 41.76 13.58 -35.24
C GLN D 200 40.62 13.66 -34.24
N VAL D 201 40.87 14.31 -33.12
CA VAL D 201 39.91 14.44 -32.03
C VAL D 201 39.55 15.90 -31.87
N THR D 202 38.28 16.23 -32.02
CA THR D 202 37.77 17.59 -31.84
C THR D 202 36.81 17.60 -30.66
N HIS D 203 37.08 18.47 -29.70
CA HIS D 203 36.25 18.61 -28.51
C HIS D 203 36.11 20.09 -28.21
N GLU D 204 34.88 20.61 -28.35
CA GLU D 204 34.60 22.00 -28.00
C GLU D 204 35.46 22.95 -28.83
N GLY D 205 35.37 22.81 -30.15
CA GLY D 205 36.13 23.64 -31.06
C GLY D 205 37.61 23.35 -31.14
N SER D 206 38.20 22.73 -30.13
CA SER D 206 39.63 22.43 -30.13
C SER D 206 39.89 21.06 -30.75
N THR D 207 40.98 20.95 -31.49
CA THR D 207 41.33 19.73 -32.22
C THR D 207 42.77 19.35 -31.96
N VAL D 208 43.00 18.08 -31.65
CA VAL D 208 44.35 17.52 -31.59
C VAL D 208 44.42 16.38 -32.58
N GLU D 209 45.57 16.23 -33.23
CA GLU D 209 45.77 15.16 -34.19
C GLU D 209 47.09 14.46 -33.90
N LYS D 210 47.04 13.15 -33.77
CA LYS D 210 48.23 12.34 -33.54
C LYS D 210 48.46 11.42 -34.74
N THR D 211 49.72 11.31 -35.17
CA THR D 211 50.07 10.60 -36.38
C THR D 211 51.10 9.50 -36.09
N VAL D 212 51.01 8.41 -36.87
CA VAL D 212 51.90 7.26 -36.73
C VAL D 212 52.18 6.70 -38.12
N ALA D 213 53.37 6.13 -38.28
CA ALA D 213 53.84 5.67 -39.59
C ALA D 213 54.57 4.35 -39.48
N PRO D 214 54.46 3.49 -40.51
CA PRO D 214 55.12 2.18 -40.57
C PRO D 214 56.63 2.27 -40.33
C1 EDO E . -38.18 5.27 51.07
O1 EDO E . -37.67 5.91 52.25
C2 EDO E . -37.08 4.38 50.53
O2 EDO E . -36.35 3.85 51.64
H11 EDO E . -38.46 6.02 50.32
H12 EDO E . -39.06 4.69 51.31
HO1 EDO E . -38.40 6.32 52.73
H21 EDO E . -36.41 4.96 49.88
H22 EDO E . -37.51 3.57 49.93
HO2 EDO E . -35.70 3.22 51.32
C1 EDO F . -12.52 19.48 -7.45
O1 EDO F . -12.57 18.10 -7.03
C2 EDO F . -11.06 19.94 -7.54
O2 EDO F . -10.32 19.01 -8.34
H11 EDO F . -13.06 20.11 -6.74
H12 EDO F . -12.99 19.58 -8.43
HO1 EDO F . -13.49 17.79 -7.10
H21 EDO F . -10.63 19.97 -6.53
H22 EDO F . -11.00 20.93 -7.97
HO2 EDO F . -9.41 19.33 -8.45
C1 EDO G . -52.83 1.01 50.50
O1 EDO G . -52.82 -0.43 50.46
C2 EDO G . -54.13 1.52 49.88
O2 EDO G . -54.63 0.54 48.95
H11 EDO G . -51.98 1.41 49.95
H12 EDO G . -52.76 1.35 51.53
HO1 EDO G . -51.98 -0.75 50.84
H21 EDO G . -53.96 2.47 49.37
H22 EDO G . -54.87 1.70 50.66
HO2 EDO G . -55.42 0.89 48.52
S SO4 H . -26.30 19.47 10.13
O1 SO4 H . -26.31 19.27 11.57
O2 SO4 H . -24.92 19.62 9.68
O3 SO4 H . -26.92 18.31 9.46
O4 SO4 H . -27.06 20.67 9.78
S SO4 I . -27.53 -4.90 5.52
O1 SO4 I . -26.98 -4.38 6.77
O2 SO4 I . -26.51 -5.68 4.83
O3 SO4 I . -28.70 -5.73 5.80
O4 SO4 I . -27.94 -3.76 4.69
C1 EDO J . -44.10 -17.19 16.76
O1 EDO J . -45.02 -18.20 17.19
C2 EDO J . -43.22 -16.76 17.92
O2 EDO J . -42.55 -17.91 18.44
H11 EDO J . -44.66 -16.32 16.38
H12 EDO J . -43.49 -17.57 15.94
HO1 EDO J . -44.99 -18.95 16.59
H21 EDO J . -43.83 -16.29 18.70
H22 EDO J . -42.48 -16.02 17.58
HO2 EDO J . -41.87 -17.63 19.08
C1 EDO K . -28.44 -1.61 24.96
O1 EDO K . -27.54 -0.51 24.89
C2 EDO K . -27.75 -2.89 24.51
O2 EDO K . -26.64 -3.17 25.36
H11 EDO K . -29.31 -1.42 24.34
H12 EDO K . -28.79 -1.74 25.99
HO1 EDO K . -27.92 0.26 25.34
H21 EDO K . -27.42 -2.78 23.47
H22 EDO K . -28.47 -3.73 24.54
HO2 EDO K . -26.15 -3.94 25.01
#